data_8EEO
#
_entry.id   8EEO
#
_cell.length_a   64.408
_cell.length_b   98.986
_cell.length_c   141.531
_cell.angle_alpha   90.000
_cell.angle_beta   90.000
_cell.angle_gamma   90.000
#
_symmetry.space_group_name_H-M   'P 21 21 21'
#
loop_
_entity.id
_entity.type
_entity.pdbx_description
1 polymer 'Amine oxidase'
2 non-polymer PENTANE-1,5-DIAMINE
3 non-polymer 'FLAVIN-ADENINE DINUCLEOTIDE'
4 water water
#
_entity_poly.entity_id   1
_entity_poly.type   'polypeptide(L)'
_entity_poly.pdbx_seq_one_letter_code
;MSKNKVVIIGAGFAGLVAARELQTAGIEYEILEAKDRIGGRAWTEERMGRPLELGATWVHWFQAHTWTEIMRYGQRTEIT
ASPSGNDAHWVTDGKVVKGTEDDLDEKLTAAMGVTYEGSEEYFPNPHDPLWVLSDDFDGPAEVRERFLSDDQTNAIDLVK
EAGFDQETIDLVDAFWCAGYIGDPYTGSALMAKQWGALSDNRYRVMEDITLKWKLNNGMRSLYDGIAGDLNTDIRLNTPV
AKVEHHDNGATVTTESGEVIEASAVICTVPVGALSNIEFSPALPDAVQSVIDDKWNSQGAKIWIKIKGHHRFLGYAPKPA
KMSVVRSEYFMDDDTTILVGFGYDNTNIDLNSIEDAQAVINQWRDDLEVVDTTGHNWVADKWAGQAWGTLRKGQFTQGWS
LFDDIDSQLFFAGSDYAYGWRGVCVDGALEKGMTTARQVINSMRETKEQ
;
_entity_poly.pdbx_strand_id   A,B
#
loop_
_chem_comp.id
_chem_comp.type
_chem_comp.name
_chem_comp.formula
FAD non-polymer 'FLAVIN-ADENINE DINUCLEOTIDE' 'C27 H33 N9 O15 P2'
N2P non-polymer PENTANE-1,5-DIAMINE 'C5 H14 N2'
#
# COMPACT_ATOMS: atom_id res chain seq x y z
N LYS A 5 -17.09 -22.05 -15.40
CA LYS A 5 -18.36 -21.37 -15.61
C LYS A 5 -18.21 -19.84 -15.74
N VAL A 6 -17.25 -19.24 -15.07
CA VAL A 6 -16.85 -17.87 -15.40
C VAL A 6 -15.67 -17.96 -16.35
N VAL A 7 -15.82 -17.39 -17.55
CA VAL A 7 -14.75 -17.37 -18.57
C VAL A 7 -14.00 -16.07 -18.42
N ILE A 8 -12.70 -16.15 -18.22
CA ILE A 8 -11.83 -14.98 -18.08
C ILE A 8 -11.01 -14.86 -19.36
N ILE A 9 -11.09 -13.71 -20.02
CA ILE A 9 -10.35 -13.49 -21.27
C ILE A 9 -9.08 -12.72 -20.97
N GLY A 10 -7.95 -13.38 -21.16
CA GLY A 10 -6.66 -12.75 -20.95
C GLY A 10 -5.98 -13.23 -19.68
N ALA A 11 -4.70 -13.63 -19.80
CA ALA A 11 -3.88 -14.05 -18.66
C ALA A 11 -2.80 -13.02 -18.32
N GLY A 12 -3.15 -11.74 -18.36
CA GLY A 12 -2.33 -10.71 -17.73
C GLY A 12 -2.61 -10.70 -16.24
N PHE A 13 -2.06 -9.67 -15.56
CA PHE A 13 -2.23 -9.59 -14.10
C PHE A 13 -3.71 -9.53 -13.68
N ALA A 14 -4.54 -8.78 -14.43
CA ALA A 14 -5.94 -8.66 -14.05
C ALA A 14 -6.65 -10.01 -14.16
N GLY A 15 -6.41 -10.76 -15.24
CA GLY A 15 -7.07 -12.04 -15.41
C GLY A 15 -6.60 -13.08 -14.41
N LEU A 16 -5.30 -13.13 -14.17
CA LEU A 16 -4.74 -14.06 -13.19
C LEU A 16 -5.29 -13.79 -11.79
N VAL A 17 -5.31 -12.52 -11.36
CA VAL A 17 -5.77 -12.22 -10.02
C VAL A 17 -7.26 -12.48 -9.88
N ALA A 18 -8.04 -12.20 -10.95
CA ALA A 18 -9.47 -12.51 -10.92
C ALA A 18 -9.70 -14.00 -10.76
N ALA A 19 -8.96 -14.83 -11.51
CA ALA A 19 -9.09 -16.27 -11.38
C ALA A 19 -8.78 -16.72 -9.95
N ARG A 20 -7.70 -16.19 -9.37
CA ARG A 20 -7.35 -16.60 -8.01
C ARG A 20 -8.45 -16.18 -7.02
N GLU A 21 -9.03 -14.99 -7.22
CA GLU A 21 -10.10 -14.53 -6.34
C GLU A 21 -11.34 -15.42 -6.46
N LEU A 22 -11.71 -15.82 -7.68
CA LEU A 22 -12.83 -16.73 -7.86
C LEU A 22 -12.54 -18.07 -7.22
N GLN A 23 -11.33 -18.57 -7.39
CA GLN A 23 -10.96 -19.84 -6.78
C GLN A 23 -11.16 -19.77 -5.27
N THR A 24 -10.75 -18.66 -4.65
CA THR A 24 -10.92 -18.52 -3.21
C THR A 24 -12.40 -18.65 -2.83
N ALA A 25 -13.28 -18.08 -3.64
CA ALA A 25 -14.71 -18.14 -3.38
C ALA A 25 -15.35 -19.44 -3.86
N GLY A 26 -14.56 -20.40 -4.34
CA GLY A 26 -15.14 -21.67 -4.76
C GLY A 26 -15.93 -21.63 -6.05
N ILE A 27 -15.73 -20.60 -6.87
CA ILE A 27 -16.44 -20.44 -8.14
C ILE A 27 -15.58 -20.97 -9.26
N GLU A 28 -16.19 -21.72 -10.19
CA GLU A 28 -15.43 -22.33 -11.26
C GLU A 28 -15.15 -21.33 -12.38
N TYR A 29 -13.97 -21.43 -12.97
CA TYR A 29 -13.49 -20.43 -13.91
C TYR A 29 -12.62 -21.14 -14.95
N GLU A 30 -12.39 -20.43 -16.05
CA GLU A 30 -11.41 -20.84 -17.05
C GLU A 30 -10.84 -19.59 -17.70
N ILE A 31 -9.50 -19.51 -17.81
CA ILE A 31 -8.84 -18.39 -18.46
C ILE A 31 -8.47 -18.81 -19.89
N LEU A 32 -8.81 -17.97 -20.86
CA LEU A 32 -8.43 -18.19 -22.25
C LEU A 32 -7.44 -17.09 -22.64
N GLU A 33 -6.24 -17.48 -23.05
CA GLU A 33 -5.19 -16.53 -23.37
C GLU A 33 -4.78 -16.69 -24.82
N ALA A 34 -4.76 -15.56 -25.55
CA ALA A 34 -4.46 -15.62 -26.97
C ALA A 34 -3.02 -16.02 -27.22
N LYS A 35 -2.10 -15.51 -26.42
CA LYS A 35 -0.69 -15.77 -26.66
C LYS A 35 -0.32 -17.14 -26.08
N ASP A 36 0.90 -17.61 -26.39
CA ASP A 36 1.45 -18.81 -25.77
C ASP A 36 2.25 -18.53 -24.50
N ARG A 37 2.00 -17.38 -23.85
CA ARG A 37 2.66 -17.00 -22.61
C ARG A 37 1.67 -16.22 -21.77
N ILE A 38 1.90 -16.18 -20.47
CA ILE A 38 1.11 -15.38 -19.56
C ILE A 38 1.90 -14.13 -19.19
N GLY A 39 1.22 -13.17 -18.55
CA GLY A 39 1.78 -11.92 -18.10
C GLY A 39 1.29 -10.71 -18.88
N GLY A 40 0.91 -10.89 -20.14
CA GLY A 40 0.37 -9.77 -20.91
C GLY A 40 1.42 -8.68 -21.05
N ARG A 41 1.02 -7.44 -20.71
CA ARG A 41 1.92 -6.29 -20.84
C ARG A 41 2.97 -6.18 -19.73
N ALA A 42 3.00 -7.12 -18.77
CA ALA A 42 4.18 -7.41 -17.97
C ALA A 42 4.93 -8.58 -18.60
N TRP A 43 6.23 -8.43 -18.89
CA TRP A 43 6.94 -9.50 -19.63
C TRP A 43 8.44 -9.45 -19.32
N THR A 44 8.89 -10.36 -18.44
CA THR A 44 10.30 -10.50 -18.09
C THR A 44 10.97 -11.52 -19.01
N GLU A 45 12.00 -11.09 -19.76
CA GLU A 45 12.72 -12.00 -20.64
C GLU A 45 14.21 -11.69 -20.67
N GLU A 46 15.03 -12.74 -20.74
CA GLU A 46 16.46 -12.55 -20.86
C GLU A 46 16.80 -11.95 -22.22
N ARG A 47 17.42 -10.77 -22.23
CA ARG A 47 17.88 -10.15 -23.46
C ARG A 47 19.13 -9.33 -23.15
N MET A 48 20.00 -9.25 -24.15
CA MET A 48 21.21 -8.44 -24.10
C MET A 48 22.04 -8.75 -22.85
N GLY A 49 21.91 -9.99 -22.36
CA GLY A 49 22.74 -10.51 -21.29
C GLY A 49 22.11 -10.56 -19.92
N ARG A 50 20.85 -10.18 -19.76
CA ARG A 50 20.25 -10.21 -18.43
C ARG A 50 18.74 -10.15 -18.57
N PRO A 51 18.00 -10.52 -17.54
CA PRO A 51 16.54 -10.36 -17.57
C PRO A 51 16.16 -8.88 -17.69
N LEU A 52 15.39 -8.57 -18.74
CA LEU A 52 14.85 -7.23 -18.94
C LEU A 52 13.32 -7.27 -18.94
N GLU A 53 12.72 -6.16 -18.48
CA GLU A 53 11.28 -5.95 -18.48
C GLU A 53 10.89 -5.30 -19.81
N LEU A 54 10.28 -6.05 -20.73
CA LEU A 54 9.85 -5.46 -22.00
C LEU A 54 8.60 -4.60 -21.84
N GLY A 55 7.88 -4.78 -20.74
CA GLY A 55 6.73 -3.97 -20.39
C GLY A 55 6.90 -3.45 -18.96
N ALA A 56 6.04 -3.84 -18.03
CA ALA A 56 6.05 -3.27 -16.68
C ALA A 56 7.36 -3.53 -15.95
N THR A 57 7.83 -2.51 -15.20
CA THR A 57 9.12 -2.57 -14.52
C THR A 57 9.11 -2.17 -13.04
N TRP A 58 8.61 -0.97 -12.70
CA TRP A 58 8.81 -0.40 -11.37
C TRP A 58 7.62 -0.62 -10.44
N VAL A 59 7.90 -0.63 -9.13
CA VAL A 59 6.94 -0.95 -8.07
C VAL A 59 7.23 -0.06 -6.84
N HIS A 60 6.31 -0.07 -5.87
CA HIS A 60 6.48 0.69 -4.63
C HIS A 60 5.52 0.16 -3.55
N TRP A 61 5.93 0.27 -2.28
CA TRP A 61 5.08 -0.18 -1.18
C TRP A 61 3.86 0.73 -0.96
N PHE A 62 3.82 1.94 -1.54
CA PHE A 62 2.61 2.77 -1.54
C PHE A 62 1.58 2.32 -2.59
N GLN A 63 1.85 1.28 -3.34
CA GLN A 63 0.90 0.67 -4.29
C GLN A 63 0.36 -0.60 -3.65
N ALA A 64 -0.88 -0.52 -3.16
CA ALA A 64 -1.35 -1.52 -2.21
C ALA A 64 -1.44 -2.91 -2.82
N HIS A 65 -2.00 -3.01 -4.04
CA HIS A 65 -2.24 -4.31 -4.64
C HIS A 65 -0.95 -4.97 -5.12
N THR A 66 -0.10 -4.19 -5.81
CA THR A 66 1.22 -4.68 -6.19
C THR A 66 2.03 -5.10 -4.97
N TRP A 67 2.09 -4.25 -3.93
CA TRP A 67 2.91 -4.58 -2.78
C TRP A 67 2.41 -5.83 -2.06
N THR A 68 1.09 -6.01 -1.94
CA THR A 68 0.65 -7.29 -1.37
C THR A 68 1.11 -8.48 -2.18
N GLU A 69 1.09 -8.42 -3.52
CA GLU A 69 1.60 -9.58 -4.27
C GLU A 69 3.11 -9.79 -4.08
N ILE A 70 3.88 -8.70 -4.07
CA ILE A 70 5.33 -8.79 -3.77
C ILE A 70 5.57 -9.54 -2.46
N MET A 71 4.82 -9.15 -1.41
CA MET A 71 4.92 -9.82 -0.11
C MET A 71 4.52 -11.29 -0.22
N ARG A 72 3.38 -11.57 -0.87
CA ARG A 72 2.85 -12.94 -0.95
C ARG A 72 3.85 -13.88 -1.61
N TYR A 73 4.51 -13.46 -2.70
CA TYR A 73 5.33 -14.36 -3.50
C TYR A 73 6.82 -14.22 -3.18
N GLY A 74 7.14 -13.69 -2.00
CA GLY A 74 8.48 -13.79 -1.44
C GLY A 74 9.47 -12.75 -1.91
N GLN A 75 9.01 -11.63 -2.48
CA GLN A 75 9.90 -10.64 -3.08
C GLN A 75 10.13 -9.42 -2.20
N ARG A 76 9.72 -9.47 -0.93
CA ARG A 76 9.81 -8.33 -0.01
C ARG A 76 11.17 -7.64 -0.04
N THR A 77 12.26 -8.40 0.03
CA THR A 77 13.58 -7.78 0.01
C THR A 77 14.23 -7.80 -1.37
N GLU A 78 13.52 -8.26 -2.39
CA GLU A 78 14.13 -8.46 -3.72
C GLU A 78 13.79 -7.31 -4.66
N ILE A 79 14.05 -6.06 -4.25
CA ILE A 79 13.86 -4.88 -5.08
C ILE A 79 15.14 -4.06 -4.99
N THR A 80 15.46 -3.37 -6.08
CA THR A 80 16.67 -2.57 -6.20
C THR A 80 16.34 -1.25 -6.89
N ALA A 81 16.90 -0.16 -6.39
CA ALA A 81 16.62 1.15 -6.96
C ALA A 81 17.40 1.34 -8.25
N SER A 82 16.75 1.95 -9.23
CA SER A 82 17.43 2.35 -10.46
C SER A 82 18.57 3.31 -10.14
N PRO A 83 19.58 3.37 -10.99
CA PRO A 83 20.73 4.25 -10.71
C PRO A 83 20.30 5.71 -10.67
N SER A 84 20.91 6.46 -9.75
CA SER A 84 20.60 7.88 -9.67
C SER A 84 21.91 8.65 -9.81
N GLY A 85 21.89 9.96 -9.59
CA GLY A 85 23.12 10.71 -9.68
C GLY A 85 23.72 10.70 -11.07
N ASN A 86 22.88 10.58 -12.10
CA ASN A 86 23.35 10.57 -13.48
C ASN A 86 23.76 11.98 -13.90
N ASP A 87 24.59 12.06 -14.95
CA ASP A 87 24.78 13.35 -15.59
C ASP A 87 23.59 13.58 -16.49
N ALA A 88 23.00 14.77 -16.41
CA ALA A 88 21.74 15.01 -17.09
C ALA A 88 21.97 15.94 -18.26
N HIS A 89 21.28 15.63 -19.35
CA HIS A 89 21.29 16.36 -20.61
C HIS A 89 19.84 16.60 -21.00
N TRP A 90 19.51 17.81 -21.39
CA TRP A 90 18.14 18.07 -21.82
C TRP A 90 18.12 19.03 -22.99
N VAL A 91 17.18 18.81 -23.90
CA VAL A 91 17.09 19.60 -25.13
C VAL A 91 16.05 20.67 -24.91
N THR A 92 16.38 21.93 -25.18
CA THR A 92 15.32 22.90 -24.94
C THR A 92 15.12 23.83 -26.12
N ASP A 93 16.12 24.59 -26.52
CA ASP A 93 15.76 25.43 -27.66
C ASP A 93 16.44 24.90 -28.90
N GLY A 94 16.22 23.61 -29.18
CA GLY A 94 17.01 22.94 -30.19
C GLY A 94 18.45 22.75 -29.81
N LYS A 95 18.82 23.10 -28.59
CA LYS A 95 20.17 22.93 -28.08
C LYS A 95 20.18 21.98 -26.88
N VAL A 96 21.33 21.37 -26.63
CA VAL A 96 21.52 20.45 -25.50
C VAL A 96 22.15 21.21 -24.33
N VAL A 97 21.53 21.09 -23.15
CA VAL A 97 22.02 21.68 -21.90
C VAL A 97 22.49 20.55 -20.99
N LYS A 98 23.70 20.68 -20.42
CA LYS A 98 24.22 19.74 -19.42
C LYS A 98 24.14 20.30 -18.01
N GLY A 99 23.50 19.53 -17.14
CA GLY A 99 23.40 19.83 -15.73
C GLY A 99 23.40 18.55 -14.91
N THR A 100 23.10 18.69 -13.62
CA THR A 100 22.98 17.57 -12.73
C THR A 100 21.55 17.06 -12.71
N GLU A 101 21.39 15.81 -12.29
CA GLU A 101 20.04 15.28 -12.15
C GLU A 101 19.24 16.12 -11.16
N ASP A 102 19.93 16.71 -10.17
CA ASP A 102 19.27 17.56 -9.18
C ASP A 102 18.73 18.86 -9.79
N ASP A 103 19.48 19.49 -10.69
CA ASP A 103 18.97 20.69 -11.35
C ASP A 103 17.69 20.37 -12.10
N LEU A 104 17.72 19.28 -12.86
CA LEU A 104 16.54 18.87 -13.61
C LEU A 104 15.38 18.61 -12.66
N ASP A 105 15.65 17.90 -11.56
CA ASP A 105 14.58 17.55 -10.63
C ASP A 105 14.00 18.79 -9.95
N GLU A 106 14.84 19.79 -9.66
CA GLU A 106 14.34 21.01 -9.06
C GLU A 106 13.38 21.72 -9.99
N LYS A 107 13.76 21.82 -11.27
CA LYS A 107 12.86 22.46 -12.24
C LYS A 107 11.56 21.67 -12.38
N LEU A 108 11.63 20.35 -12.42
CA LEU A 108 10.40 19.57 -12.57
C LEU A 108 9.55 19.67 -11.32
N THR A 109 10.16 19.72 -10.14
CA THR A 109 9.41 19.84 -8.89
C THR A 109 8.57 21.11 -8.89
N ALA A 110 9.20 22.23 -9.26
CA ALA A 110 8.44 23.48 -9.31
C ALA A 110 7.30 23.38 -10.31
N ALA A 111 7.56 22.80 -11.50
CA ALA A 111 6.49 22.67 -12.50
C ALA A 111 5.35 21.78 -12.01
N MET A 112 5.69 20.70 -11.30
CA MET A 112 4.69 19.74 -10.82
C MET A 112 3.80 20.35 -9.77
N GLY A 113 4.36 21.20 -8.91
CA GLY A 113 3.56 21.95 -7.96
C GLY A 113 2.37 22.63 -8.61
N VAL A 114 2.61 23.35 -9.71
CA VAL A 114 1.52 24.00 -10.45
C VAL A 114 0.65 22.94 -11.13
N THR A 115 1.26 21.91 -11.70
CA THR A 115 0.51 20.87 -12.40
C THR A 115 -0.52 20.20 -11.49
N TYR A 116 -0.18 19.98 -10.22
CA TYR A 116 -1.09 19.29 -9.30
C TYR A 116 -2.22 20.17 -8.75
N GLU A 117 -2.17 21.48 -8.96
CA GLU A 117 -3.14 22.39 -8.34
C GLU A 117 -4.58 21.91 -8.56
N GLY A 118 -5.37 21.95 -7.49
CA GLY A 118 -6.73 21.44 -7.49
C GLY A 118 -6.86 20.01 -6.99
N SER A 119 -5.75 19.27 -6.92
CA SER A 119 -5.86 17.86 -6.57
C SER A 119 -6.44 17.68 -5.16
N GLU A 120 -6.20 18.63 -4.26
CA GLU A 120 -6.74 18.53 -2.90
C GLU A 120 -8.25 18.69 -2.85
N GLU A 121 -8.84 19.49 -3.76
CA GLU A 121 -10.28 19.64 -3.77
C GLU A 121 -10.98 18.58 -4.62
N TYR A 122 -10.30 18.07 -5.67
CA TYR A 122 -10.89 17.01 -6.50
C TYR A 122 -10.79 15.65 -5.85
N PHE A 123 -9.69 15.38 -5.14
CA PHE A 123 -9.32 13.99 -4.78
C PHE A 123 -8.99 13.86 -3.30
N PRO A 124 -9.82 14.36 -2.38
CA PRO A 124 -9.50 14.15 -0.95
C PRO A 124 -9.32 12.68 -0.63
N ASN A 125 -10.15 11.82 -1.22
CA ASN A 125 -9.90 10.38 -1.32
C ASN A 125 -9.37 10.13 -2.73
N PRO A 126 -8.07 9.94 -2.92
CA PRO A 126 -7.54 9.77 -4.29
C PRO A 126 -7.97 8.49 -4.94
N HIS A 127 -8.64 7.58 -4.23
CA HIS A 127 -9.21 6.40 -4.85
C HIS A 127 -10.68 6.57 -5.17
N ASP A 128 -11.19 7.80 -5.07
CA ASP A 128 -12.53 8.15 -5.56
C ASP A 128 -12.40 9.25 -6.60
N PRO A 129 -11.91 8.93 -7.78
CA PRO A 129 -11.53 9.98 -8.75
C PRO A 129 -12.70 10.79 -9.30
N LEU A 130 -13.93 10.27 -9.29
CA LEU A 130 -15.08 10.97 -9.85
C LEU A 130 -16.03 11.51 -8.77
N TRP A 131 -15.53 11.64 -7.53
CA TRP A 131 -16.33 12.20 -6.45
C TRP A 131 -16.94 13.55 -6.82
N VAL A 132 -16.18 14.41 -7.49
CA VAL A 132 -16.66 15.77 -7.80
C VAL A 132 -17.94 15.75 -8.64
N LEU A 133 -18.15 14.68 -9.43
CA LEU A 133 -19.35 14.52 -10.23
C LEU A 133 -20.39 13.64 -9.57
N SER A 134 -20.15 13.19 -8.35
CA SER A 134 -21.10 12.35 -7.67
C SER A 134 -22.20 13.21 -7.06
N ASP A 135 -23.33 12.57 -6.79
CA ASP A 135 -24.42 13.32 -6.19
C ASP A 135 -24.12 13.67 -4.74
N ASP A 136 -23.10 13.06 -4.14
CA ASP A 136 -22.73 13.41 -2.78
C ASP A 136 -21.57 14.39 -2.72
N PHE A 137 -21.17 14.96 -3.85
CA PHE A 137 -20.22 16.07 -3.84
C PHE A 137 -20.81 17.26 -3.08
N ASP A 138 -20.05 17.82 -2.14
CA ASP A 138 -20.54 18.89 -1.29
C ASP A 138 -19.74 20.18 -1.44
N GLY A 139 -18.94 20.28 -2.50
CA GLY A 139 -18.14 21.48 -2.73
C GLY A 139 -18.83 22.50 -3.61
N PRO A 140 -18.13 23.60 -3.86
CA PRO A 140 -18.72 24.69 -4.65
C PRO A 140 -18.83 24.31 -6.12
N ALA A 141 -19.82 24.92 -6.78
CA ALA A 141 -20.00 24.64 -8.20
C ALA A 141 -18.74 24.96 -9.01
N GLU A 142 -17.95 25.95 -8.55
CA GLU A 142 -16.77 26.32 -9.32
C GLU A 142 -15.72 25.23 -9.32
N VAL A 143 -15.70 24.39 -8.27
CA VAL A 143 -14.79 23.25 -8.29
C VAL A 143 -15.19 22.28 -9.39
N ARG A 144 -16.49 22.01 -9.53
CA ARG A 144 -16.92 21.10 -10.59
C ARG A 144 -16.66 21.70 -11.98
N GLU A 145 -16.84 23.01 -12.11
CA GLU A 145 -16.55 23.65 -13.39
C GLU A 145 -15.08 23.54 -13.75
N ARG A 146 -14.18 23.74 -12.77
CA ARG A 146 -12.75 23.61 -13.06
C ARG A 146 -12.35 22.15 -13.34
N PHE A 147 -12.98 21.20 -12.64
CA PHE A 147 -12.72 19.77 -12.89
C PHE A 147 -13.02 19.41 -14.33
N LEU A 148 -14.22 19.79 -14.80
CA LEU A 148 -14.59 19.50 -16.18
C LEU A 148 -13.67 20.23 -17.17
N SER A 149 -13.32 21.48 -16.86
CA SER A 149 -12.42 22.24 -17.73
C SER A 149 -11.05 21.57 -17.83
N ASP A 150 -10.53 21.08 -16.71
CA ASP A 150 -9.22 20.43 -16.67
C ASP A 150 -9.20 19.15 -17.48
N ASP A 151 -10.34 18.46 -17.58
CA ASP A 151 -10.38 17.28 -18.46
C ASP A 151 -10.12 17.63 -19.94
N GLN A 152 -10.36 18.89 -20.33
CA GLN A 152 -10.17 19.37 -21.69
C GLN A 152 -8.89 20.18 -21.86
N THR A 153 -8.00 20.13 -20.89
CA THR A 153 -6.73 20.84 -20.88
C THR A 153 -5.61 19.81 -20.78
N ASN A 154 -4.51 20.04 -21.49
CA ASN A 154 -3.39 19.11 -21.31
C ASN A 154 -2.43 19.64 -20.25
N ALA A 155 -1.56 18.75 -19.77
CA ALA A 155 -0.69 19.05 -18.63
C ALA A 155 0.35 20.12 -18.96
N ILE A 156 0.78 20.23 -20.21
CA ILE A 156 1.80 21.21 -20.57
C ILE A 156 1.24 22.62 -20.56
N ASP A 157 -0.03 22.77 -20.95
CA ASP A 157 -0.60 24.10 -21.00
C ASP A 157 -0.73 24.71 -19.61
N LEU A 158 -0.92 23.89 -18.58
CA LEU A 158 -0.96 24.40 -17.21
C LEU A 158 0.37 25.04 -16.84
N VAL A 159 1.47 24.47 -17.33
CA VAL A 159 2.79 25.01 -17.00
C VAL A 159 3.07 26.26 -17.83
N LYS A 160 2.71 26.23 -19.12
CA LYS A 160 2.81 27.43 -19.95
C LYS A 160 2.03 28.59 -19.33
N GLU A 161 0.80 28.32 -18.89
CA GLU A 161 -0.07 29.39 -18.40
C GLU A 161 0.43 29.99 -17.09
N ALA A 162 1.21 29.26 -16.30
CA ALA A 162 1.76 29.76 -15.05
C ALA A 162 3.00 30.62 -15.27
N GLY A 163 3.47 30.76 -16.51
CA GLY A 163 4.57 31.66 -16.82
C GLY A 163 5.95 31.07 -16.78
N PHE A 164 6.08 29.75 -16.72
CA PHE A 164 7.41 29.15 -16.71
C PHE A 164 8.13 29.43 -18.04
N ASP A 165 9.46 29.42 -17.98
CA ASP A 165 10.22 29.74 -19.19
C ASP A 165 10.28 28.53 -20.12
N GLN A 166 10.89 28.74 -21.29
CA GLN A 166 10.90 27.72 -22.32
C GLN A 166 11.65 26.47 -21.88
N GLU A 167 12.72 26.63 -21.10
CA GLU A 167 13.47 25.46 -20.63
C GLU A 167 12.57 24.54 -19.81
N THR A 168 11.80 25.11 -18.87
CA THR A 168 10.92 24.29 -18.05
C THR A 168 9.80 23.69 -18.91
N ILE A 169 9.31 24.44 -19.91
CA ILE A 169 8.28 23.91 -20.79
C ILE A 169 8.81 22.68 -21.54
N ASP A 170 10.01 22.77 -22.10
CA ASP A 170 10.58 21.64 -22.82
C ASP A 170 10.85 20.45 -21.91
N LEU A 171 11.23 20.71 -20.65
CA LEU A 171 11.42 19.61 -19.71
C LEU A 171 10.11 18.91 -19.38
N VAL A 172 9.02 19.65 -19.17
CA VAL A 172 7.75 18.99 -18.86
C VAL A 172 7.17 18.31 -20.09
N ASP A 173 7.37 18.90 -21.27
CA ASP A 173 7.04 18.27 -22.53
C ASP A 173 7.69 16.88 -22.62
N ALA A 174 9.01 16.81 -22.44
CA ALA A 174 9.67 15.52 -22.44
C ALA A 174 9.06 14.58 -21.38
N PHE A 175 8.89 15.11 -20.17
CA PHE A 175 8.41 14.28 -19.07
C PHE A 175 7.08 13.63 -19.40
N TRP A 176 6.13 14.40 -19.93
CA TRP A 176 4.81 13.88 -20.22
C TRP A 176 4.73 13.15 -21.55
N CYS A 177 5.69 13.35 -22.46
CA CYS A 177 5.78 12.42 -23.57
C CYS A 177 6.02 11.02 -23.05
N ALA A 178 6.86 10.89 -22.02
CA ALA A 178 7.04 9.59 -21.36
C ALA A 178 5.82 9.20 -20.53
N GLY A 179 5.25 10.14 -19.76
CA GLY A 179 4.23 9.79 -18.80
C GLY A 179 2.92 9.40 -19.45
N TYR A 180 2.49 10.15 -20.47
CA TYR A 180 1.33 9.80 -21.29
C TYR A 180 1.66 8.75 -22.34
N ILE A 181 2.91 8.25 -22.37
CA ILE A 181 3.46 7.38 -23.41
C ILE A 181 2.70 7.58 -24.73
N GLY A 182 2.81 8.78 -25.25
CA GLY A 182 2.00 9.26 -26.35
C GLY A 182 2.05 10.78 -26.37
N ASP A 183 1.35 11.36 -27.32
CA ASP A 183 1.37 12.82 -27.48
C ASP A 183 0.79 13.50 -26.24
N PRO A 184 1.59 14.23 -25.46
CA PRO A 184 1.03 14.84 -24.25
C PRO A 184 0.04 15.97 -24.55
N TYR A 185 0.12 16.55 -25.73
CA TYR A 185 -0.74 17.67 -26.07
C TYR A 185 -2.18 17.22 -26.33
N THR A 186 -2.42 15.93 -26.57
CA THR A 186 -3.80 15.47 -26.66
C THR A 186 -4.31 14.88 -25.35
N GLY A 187 -3.51 14.92 -24.28
CA GLY A 187 -3.89 14.28 -23.04
C GLY A 187 -4.71 15.16 -22.10
N SER A 188 -5.40 14.49 -21.19
CA SER A 188 -6.17 15.14 -20.14
C SER A 188 -5.28 15.40 -18.92
N ALA A 189 -5.27 16.66 -18.47
CA ALA A 189 -4.45 17.02 -17.31
C ALA A 189 -4.95 16.40 -16.02
N LEU A 190 -6.21 15.96 -15.97
CA LEU A 190 -6.68 15.29 -14.76
C LEU A 190 -5.91 14.00 -14.49
N MET A 191 -5.37 13.35 -15.51
CA MET A 191 -4.54 12.18 -15.23
C MET A 191 -3.36 12.57 -14.34
N ALA A 192 -2.63 13.63 -14.73
CA ALA A 192 -1.47 14.08 -13.95
C ALA A 192 -1.86 14.51 -12.55
N LYS A 193 -3.01 15.20 -12.42
CA LYS A 193 -3.45 15.62 -11.09
C LYS A 193 -3.79 14.42 -10.19
N GLN A 194 -4.36 13.35 -10.73
CA GLN A 194 -4.64 12.20 -9.86
C GLN A 194 -3.35 11.48 -9.49
N TRP A 195 -2.39 11.39 -10.41
CA TRP A 195 -1.07 10.88 -10.01
C TRP A 195 -0.52 11.67 -8.84
N GLY A 196 -0.66 13.00 -8.89
CA GLY A 196 -0.26 13.81 -7.73
C GLY A 196 -0.98 13.42 -6.45
N ALA A 197 -2.31 13.32 -6.52
CA ALA A 197 -3.11 12.97 -5.34
C ALA A 197 -2.72 11.61 -4.75
N LEU A 198 -2.31 10.67 -5.60
CA LEU A 198 -1.88 9.35 -5.19
C LEU A 198 -0.45 9.33 -4.68
N SER A 199 0.30 10.43 -4.88
CA SER A 199 1.70 10.56 -4.48
C SER A 199 1.88 11.68 -3.45
N ASP A 200 0.88 11.91 -2.60
CA ASP A 200 0.95 12.94 -1.56
C ASP A 200 1.30 14.32 -2.15
N ASN A 201 0.97 14.52 -3.43
CA ASN A 201 1.15 15.81 -4.12
C ASN A 201 2.60 16.29 -4.13
N ARG A 202 3.56 15.38 -4.16
CA ARG A 202 4.96 15.75 -4.26
C ARG A 202 5.63 14.98 -5.39
N TYR A 203 6.31 15.71 -6.26
CA TYR A 203 7.01 15.13 -7.39
C TYR A 203 7.94 14.00 -6.96
N ARG A 204 8.71 14.19 -5.89
CA ARG A 204 9.66 13.16 -5.51
C ARG A 204 8.96 11.85 -5.14
N VAL A 205 7.80 11.93 -4.45
CA VAL A 205 7.05 10.71 -4.14
C VAL A 205 6.52 10.07 -5.42
N MET A 206 5.99 10.88 -6.33
CA MET A 206 5.47 10.35 -7.60
C MET A 206 6.53 9.57 -8.35
N GLU A 207 7.76 10.11 -8.40
CA GLU A 207 8.86 9.44 -9.09
C GLU A 207 9.34 8.21 -8.32
N ASP A 208 9.37 8.30 -6.99
CA ASP A 208 9.70 7.15 -6.15
C ASP A 208 8.74 6.00 -6.42
N ILE A 209 7.44 6.30 -6.58
CA ILE A 209 6.43 5.27 -6.74
C ILE A 209 6.53 4.63 -8.13
N THR A 210 6.76 5.45 -9.18
CA THR A 210 6.61 4.93 -10.53
C THR A 210 7.92 4.67 -11.26
N LEU A 211 9.06 5.12 -10.73
CA LEU A 211 10.25 5.12 -11.58
C LEU A 211 11.51 4.82 -10.77
N LYS A 212 11.39 4.04 -9.70
CA LYS A 212 12.56 3.83 -8.84
C LYS A 212 12.88 2.36 -8.59
N TRP A 213 11.96 1.61 -7.99
CA TRP A 213 12.27 0.28 -7.46
C TRP A 213 11.93 -0.80 -8.48
N LYS A 214 12.92 -1.63 -8.83
CA LYS A 214 12.74 -2.72 -9.76
C LYS A 214 12.76 -4.07 -9.03
N LEU A 215 12.02 -5.03 -9.58
CA LEU A 215 12.03 -6.39 -9.07
C LEU A 215 13.25 -7.15 -9.57
N ASN A 216 14.08 -7.59 -8.62
CA ASN A 216 15.26 -8.38 -8.93
C ASN A 216 14.89 -9.61 -9.75
N ASN A 217 13.77 -10.25 -9.41
CA ASN A 217 13.33 -11.45 -10.10
C ASN A 217 12.22 -11.16 -11.11
N GLY A 218 12.00 -9.88 -11.42
CA GLY A 218 11.10 -9.52 -12.49
C GLY A 218 9.63 -9.64 -12.12
N MET A 219 8.81 -8.96 -12.92
CA MET A 219 7.37 -9.12 -12.85
C MET A 219 6.95 -10.57 -12.97
N ARG A 220 7.76 -11.40 -13.64
CA ARG A 220 7.40 -12.79 -13.82
C ARG A 220 7.39 -13.54 -12.50
N SER A 221 8.18 -13.10 -11.50
CA SER A 221 8.07 -13.75 -10.19
C SER A 221 6.65 -13.57 -9.64
N LEU A 222 6.03 -12.42 -9.90
CA LEU A 222 4.66 -12.19 -9.46
C LEU A 222 3.64 -12.92 -10.35
N TYR A 223 3.74 -12.78 -11.68
CA TYR A 223 2.66 -13.39 -12.45
C TYR A 223 2.78 -14.91 -12.50
N ASP A 224 4.00 -15.46 -12.49
CA ASP A 224 4.12 -16.90 -12.35
C ASP A 224 3.69 -17.37 -10.97
N GLY A 225 3.89 -16.57 -9.91
CA GLY A 225 3.34 -16.96 -8.62
C GLY A 225 1.82 -17.08 -8.64
N ILE A 226 1.16 -16.06 -9.20
CA ILE A 226 -0.30 -16.14 -9.27
C ILE A 226 -0.72 -17.36 -10.08
N ALA A 227 -0.13 -17.54 -11.27
CA ALA A 227 -0.50 -18.68 -12.10
C ALA A 227 -0.26 -19.99 -11.36
N GLY A 228 0.80 -20.07 -10.55
CA GLY A 228 1.11 -21.27 -9.81
C GLY A 228 0.14 -21.57 -8.67
N ASP A 229 -0.61 -20.57 -8.21
CA ASP A 229 -1.69 -20.83 -7.26
C ASP A 229 -2.94 -21.44 -7.89
N LEU A 230 -3.11 -21.33 -9.20
CA LEU A 230 -4.40 -21.70 -9.80
C LEU A 230 -4.55 -23.20 -9.94
N ASN A 231 -5.75 -23.71 -9.62
CA ASN A 231 -6.00 -25.12 -9.77
C ASN A 231 -6.64 -25.49 -11.10
N THR A 232 -6.80 -24.54 -12.02
CA THR A 232 -7.38 -24.81 -13.32
C THR A 232 -6.39 -24.38 -14.40
N ASP A 233 -6.11 -25.27 -15.34
CA ASP A 233 -5.10 -25.01 -16.36
C ASP A 233 -5.50 -23.83 -17.23
N ILE A 234 -4.56 -22.90 -17.43
CA ILE A 234 -4.77 -21.81 -18.36
C ILE A 234 -4.72 -22.35 -19.79
N ARG A 235 -5.69 -21.94 -20.61
CA ARG A 235 -5.73 -22.35 -22.02
C ARG A 235 -4.96 -21.32 -22.83
N LEU A 236 -3.69 -21.60 -23.09
CA LEU A 236 -2.90 -20.72 -23.95
C LEU A 236 -3.30 -20.93 -25.40
N ASN A 237 -2.82 -20.02 -26.25
CA ASN A 237 -3.01 -20.12 -27.70
C ASN A 237 -4.48 -20.27 -28.04
N THR A 238 -5.35 -19.61 -27.29
CA THR A 238 -6.80 -19.75 -27.45
C THR A 238 -7.42 -18.37 -27.51
N PRO A 239 -7.22 -17.66 -28.62
CA PRO A 239 -7.79 -16.30 -28.75
C PRO A 239 -9.29 -16.33 -28.84
N VAL A 240 -9.93 -15.39 -28.17
CA VAL A 240 -11.39 -15.25 -28.23
C VAL A 240 -11.75 -14.34 -29.38
N ALA A 241 -12.77 -14.72 -30.15
CA ALA A 241 -13.23 -13.93 -31.29
C ALA A 241 -14.62 -13.33 -31.13
N LYS A 242 -15.47 -13.90 -30.28
CA LYS A 242 -16.83 -13.40 -30.13
C LYS A 242 -17.28 -13.61 -28.70
N VAL A 243 -18.03 -12.65 -28.18
CA VAL A 243 -18.64 -12.74 -26.86
C VAL A 243 -20.12 -12.38 -27.00
N GLU A 244 -20.99 -13.32 -26.66
CA GLU A 244 -22.43 -13.08 -26.57
C GLU A 244 -22.83 -13.03 -25.11
N HIS A 245 -23.56 -11.99 -24.74
CA HIS A 245 -23.75 -11.65 -23.33
C HIS A 245 -25.18 -11.20 -23.06
N HIS A 246 -25.82 -11.83 -22.06
CA HIS A 246 -27.14 -11.43 -21.58
C HIS A 246 -27.19 -11.49 -20.04
N VAL A 252 -24.64 -16.63 -21.48
CA VAL A 252 -23.41 -16.00 -21.96
C VAL A 252 -22.51 -17.06 -22.61
N THR A 253 -22.08 -16.79 -23.84
CA THR A 253 -21.22 -17.71 -24.58
C THR A 253 -20.03 -17.00 -25.20
N THR A 254 -19.07 -17.78 -25.70
CA THR A 254 -17.89 -17.23 -26.32
C THR A 254 -17.26 -18.22 -27.29
N GLU A 255 -10.03 -18.28 -32.21
CA GLU A 255 -10.82 -18.44 -33.43
C GLU A 255 -11.02 -19.92 -33.77
N SER A 256 -11.14 -20.84 -34.22
CA SER A 256 -11.15 -22.28 -34.49
C SER A 256 -12.47 -22.78 -35.10
N GLY A 257 -13.50 -23.01 -34.27
CA GLY A 257 -14.02 -22.04 -33.33
C GLY A 257 -14.90 -22.67 -32.27
N GLU A 258 -14.28 -23.22 -31.24
CA GLU A 258 -15.01 -23.87 -30.16
C GLU A 258 -15.81 -22.85 -29.35
N VAL A 259 -16.94 -23.28 -28.81
CA VAL A 259 -17.80 -22.41 -28.03
C VAL A 259 -17.78 -22.74 -26.52
N ILE A 260 -17.43 -21.83 -25.55
CA ILE A 260 -17.68 -22.35 -24.22
C ILE A 260 -18.70 -21.49 -23.47
N GLU A 261 -19.76 -22.13 -23.00
CA GLU A 261 -20.82 -21.45 -22.28
C GLU A 261 -20.32 -21.07 -20.89
N ALA A 262 -20.86 -19.98 -20.36
CA ALA A 262 -20.41 -19.45 -19.09
C ALA A 262 -21.54 -18.71 -18.42
N SER A 263 -21.45 -18.61 -17.10
CA SER A 263 -22.41 -17.79 -16.38
C SER A 263 -22.06 -16.30 -16.46
N ALA A 264 -20.78 -15.98 -16.66
CA ALA A 264 -20.31 -14.60 -16.76
C ALA A 264 -18.97 -14.61 -17.48
N VAL A 265 -18.64 -13.48 -18.10
CA VAL A 265 -17.37 -13.28 -18.80
C VAL A 265 -16.65 -12.08 -18.20
N ILE A 266 -15.40 -12.28 -17.82
CA ILE A 266 -14.51 -11.20 -17.40
C ILE A 266 -13.44 -11.00 -18.49
N CYS A 267 -13.42 -9.82 -19.12
CA CYS A 267 -12.58 -9.55 -20.29
C CYS A 267 -11.43 -8.59 -19.91
N THR A 268 -10.13 -9.07 -19.96
CA THR A 268 -8.93 -8.23 -19.72
C THR A 268 -8.45 -7.55 -20.97
N VAL A 269 -9.06 -7.85 -22.12
CA VAL A 269 -8.47 -7.35 -23.36
C VAL A 269 -8.42 -5.82 -23.33
N PRO A 270 -7.25 -5.22 -23.55
CA PRO A 270 -7.17 -3.76 -23.55
C PRO A 270 -7.93 -3.18 -24.73
N VAL A 271 -8.30 -1.91 -24.57
CA VAL A 271 -9.05 -1.20 -25.60
C VAL A 271 -8.36 -1.32 -26.95
N GLY A 272 -7.04 -1.19 -26.95
CA GLY A 272 -6.31 -1.23 -28.21
C GLY A 272 -6.48 -2.50 -29.01
N ALA A 273 -7.00 -3.57 -28.40
CA ALA A 273 -7.19 -4.84 -29.08
C ALA A 273 -8.65 -5.30 -29.01
N LEU A 274 -9.54 -4.47 -28.45
CA LEU A 274 -10.93 -4.91 -28.36
C LEU A 274 -11.59 -5.08 -29.72
N SER A 275 -11.09 -4.38 -30.74
CA SER A 275 -11.68 -4.56 -32.06
C SER A 275 -11.48 -5.97 -32.61
N ASN A 276 -10.63 -6.80 -31.97
CA ASN A 276 -10.51 -8.17 -32.44
C ASN A 276 -11.72 -9.03 -32.10
N ILE A 277 -12.63 -8.55 -31.23
CA ILE A 277 -13.70 -9.36 -30.68
C ILE A 277 -15.04 -8.77 -31.08
N GLU A 278 -15.95 -9.63 -31.54
CA GLU A 278 -17.31 -9.25 -31.86
C GLU A 278 -18.19 -9.42 -30.64
N PHE A 279 -18.89 -8.36 -30.25
CA PHE A 279 -19.76 -8.39 -29.08
C PHE A 279 -21.20 -8.39 -29.54
N SER A 280 -21.99 -9.32 -28.99
CA SER A 280 -23.41 -9.41 -29.33
C SER A 280 -24.22 -9.52 -28.04
N PRO A 281 -25.10 -8.55 -27.75
CA PRO A 281 -25.33 -7.34 -28.53
C PRO A 281 -24.12 -6.41 -28.54
N ALA A 282 -24.12 -5.43 -29.44
CA ALA A 282 -22.98 -4.52 -29.52
C ALA A 282 -22.83 -3.76 -28.22
N LEU A 283 -21.60 -3.32 -27.96
CA LEU A 283 -21.36 -2.53 -26.77
C LEU A 283 -22.05 -1.18 -26.91
N PRO A 284 -22.45 -0.55 -25.80
CA PRO A 284 -23.15 0.73 -25.90
C PRO A 284 -22.30 1.77 -26.63
N ASP A 285 -22.99 2.76 -27.22
CA ASP A 285 -22.31 3.72 -28.10
C ASP A 285 -21.15 4.43 -27.41
N ALA A 286 -21.30 4.81 -26.14
CA ALA A 286 -20.25 5.58 -25.46
C ALA A 286 -18.98 4.75 -25.29
N VAL A 287 -19.15 3.47 -24.93
CA VAL A 287 -18.00 2.58 -24.84
C VAL A 287 -17.35 2.41 -26.21
N GLN A 288 -18.16 2.17 -27.24
CA GLN A 288 -17.60 1.99 -28.56
C GLN A 288 -16.84 3.22 -29.00
N SER A 289 -17.31 4.40 -28.61
CA SER A 289 -16.62 5.63 -28.95
C SER A 289 -15.24 5.68 -28.31
N VAL A 290 -15.14 5.23 -27.05
CA VAL A 290 -13.80 5.14 -26.45
C VAL A 290 -12.93 4.16 -27.23
N ILE A 291 -13.49 3.00 -27.60
CA ILE A 291 -12.71 2.00 -28.33
C ILE A 291 -12.23 2.56 -29.67
N ASP A 292 -13.10 3.29 -30.37
CA ASP A 292 -12.70 3.91 -31.62
C ASP A 292 -11.59 4.94 -31.40
N ASP A 293 -11.73 5.78 -30.36
CA ASP A 293 -10.72 6.81 -30.11
C ASP A 293 -9.41 6.22 -29.64
N LYS A 294 -9.47 5.12 -28.89
CA LYS A 294 -8.33 4.53 -28.21
C LYS A 294 -7.83 5.40 -27.07
N TRP A 295 -7.06 4.80 -26.15
CA TRP A 295 -6.37 5.61 -25.16
C TRP A 295 -5.31 6.46 -25.86
N ASN A 296 -4.68 7.36 -25.10
CA ASN A 296 -3.62 8.25 -25.54
C ASN A 296 -2.27 7.55 -25.66
N SER A 297 -2.28 6.22 -25.66
CA SER A 297 -1.11 5.40 -25.40
C SER A 297 -0.54 4.91 -26.72
N GLN A 298 0.20 5.79 -27.41
CA GLN A 298 0.79 5.42 -28.71
C GLN A 298 2.32 5.35 -28.72
N GLY A 299 2.98 5.46 -27.58
CA GLY A 299 4.43 5.48 -27.51
C GLY A 299 5.09 4.11 -27.41
N ALA A 300 6.33 4.11 -26.92
CA ALA A 300 7.14 2.90 -26.95
C ALA A 300 8.26 2.96 -25.93
N LYS A 301 8.70 1.78 -25.51
CA LYS A 301 9.79 1.60 -24.55
C LYS A 301 10.92 0.81 -25.19
N ILE A 302 12.15 1.30 -25.03
CA ILE A 302 13.34 0.72 -25.66
C ILE A 302 14.38 0.41 -24.59
N TRP A 303 15.23 -0.58 -24.88
CA TRP A 303 16.43 -0.86 -24.10
C TRP A 303 17.62 -0.73 -25.03
N ILE A 304 18.58 0.13 -24.67
CA ILE A 304 19.74 0.43 -25.49
C ILE A 304 21.00 0.03 -24.74
N LYS A 305 21.91 -0.66 -25.39
CA LYS A 305 23.20 -1.00 -24.80
C LYS A 305 24.31 -0.23 -25.49
N ILE A 306 25.11 0.50 -24.68
CA ILE A 306 26.26 1.28 -25.14
C ILE A 306 27.56 0.77 -24.51
N LYS A 307 28.66 1.14 -25.15
CA LYS A 307 30.01 0.81 -24.70
C LYS A 307 30.39 1.63 -23.46
N GLY A 308 31.12 0.99 -22.55
CA GLY A 308 31.56 1.64 -21.33
C GLY A 308 30.50 1.75 -20.25
N HIS A 309 30.93 2.23 -19.09
CA HIS A 309 30.04 2.48 -17.96
C HIS A 309 29.74 3.97 -17.88
N HIS A 310 28.47 4.33 -18.04
CA HIS A 310 28.08 5.74 -18.09
C HIS A 310 26.81 5.97 -17.29
N ARG A 311 26.85 6.95 -16.39
CA ARG A 311 25.67 7.38 -15.63
C ARG A 311 25.00 8.50 -16.43
N PHE A 312 23.94 8.17 -17.15
CA PHE A 312 23.42 9.08 -18.14
C PHE A 312 21.93 9.29 -17.93
N LEU A 313 21.48 10.53 -18.18
CA LEU A 313 20.06 10.87 -18.16
C LEU A 313 19.82 11.90 -19.26
N GLY A 314 18.83 11.64 -20.12
CA GLY A 314 18.53 12.52 -21.23
C GLY A 314 17.03 12.82 -21.34
N TYR A 315 16.71 14.10 -21.52
CA TYR A 315 15.34 14.59 -21.73
C TYR A 315 15.26 15.28 -23.09
N ALA A 316 14.21 14.97 -23.86
CA ALA A 316 14.02 15.67 -25.10
C ALA A 316 12.54 15.77 -25.42
N PRO A 317 12.05 16.92 -25.83
CA PRO A 317 10.61 17.10 -26.06
C PRO A 317 10.15 16.49 -27.37
N LYS A 318 8.83 16.37 -27.49
CA LYS A 318 8.21 16.02 -28.76
C LYS A 318 8.80 16.86 -29.89
N PRO A 319 9.10 16.28 -31.09
CA PRO A 319 8.86 14.90 -31.52
C PRO A 319 10.08 13.97 -31.50
N ALA A 320 10.97 14.11 -30.52
CA ALA A 320 12.15 13.24 -30.42
C ALA A 320 11.74 11.78 -30.49
N LYS A 321 12.64 10.94 -31.03
CA LYS A 321 12.41 9.50 -31.02
C LYS A 321 12.19 8.98 -29.60
N MET A 322 13.00 9.44 -28.66
CA MET A 322 12.84 9.08 -27.26
C MET A 322 12.91 10.35 -26.43
N SER A 323 12.02 10.45 -25.46
CA SER A 323 11.92 11.66 -24.67
C SER A 323 12.55 11.54 -23.29
N VAL A 324 12.65 10.33 -22.73
CA VAL A 324 13.38 10.16 -21.47
C VAL A 324 14.22 8.90 -21.57
N VAL A 325 15.52 9.03 -21.32
CA VAL A 325 16.48 7.92 -21.42
C VAL A 325 17.38 7.94 -20.19
N ARG A 326 17.62 6.78 -19.58
CA ARG A 326 18.36 6.71 -18.32
C ARG A 326 19.13 5.40 -18.20
N SER A 327 20.35 5.48 -17.67
CA SER A 327 21.10 4.26 -17.34
C SER A 327 20.34 3.42 -16.31
N GLU A 328 20.38 2.10 -16.48
CA GLU A 328 19.69 1.19 -15.58
C GLU A 328 20.57 0.06 -15.09
N TYR A 329 21.47 -0.46 -15.92
CA TYR A 329 22.32 -1.56 -15.52
C TYR A 329 23.74 -1.36 -16.05
N PHE A 330 24.73 -1.65 -15.21
CA PHE A 330 26.14 -1.62 -15.58
C PHE A 330 26.64 -3.06 -15.64
N MET A 331 26.96 -3.52 -16.85
CA MET A 331 27.20 -4.93 -17.14
C MET A 331 28.67 -5.30 -16.93
N ASP A 332 28.92 -6.61 -16.77
CA ASP A 332 30.25 -7.11 -16.43
C ASP A 332 31.23 -7.00 -17.59
N ASP A 333 30.77 -6.85 -18.82
CA ASP A 333 31.66 -6.69 -19.97
C ASP A 333 31.86 -5.22 -20.34
N ASP A 334 31.76 -4.32 -19.38
CA ASP A 334 32.01 -2.89 -19.59
C ASP A 334 31.04 -2.31 -20.62
N THR A 335 29.74 -2.52 -20.40
CA THR A 335 28.70 -1.86 -21.17
C THR A 335 27.63 -1.38 -20.21
N THR A 336 26.78 -0.49 -20.69
CA THR A 336 25.67 0.04 -19.92
C THR A 336 24.37 -0.20 -20.68
N ILE A 337 23.35 -0.65 -19.97
CA ILE A 337 22.01 -0.75 -20.55
C ILE A 337 21.19 0.42 -20.03
N LEU A 338 20.61 1.18 -20.95
CA LEU A 338 19.74 2.31 -20.69
C LEU A 338 18.33 1.95 -21.08
N VAL A 339 17.36 2.54 -20.38
CA VAL A 339 15.96 2.43 -20.76
C VAL A 339 15.52 3.74 -21.37
N GLY A 340 14.57 3.67 -22.30
CA GLY A 340 14.03 4.88 -22.91
C GLY A 340 12.54 4.80 -23.14
N PHE A 341 11.90 5.97 -23.07
CA PHE A 341 10.47 6.11 -23.32
C PHE A 341 10.25 7.21 -24.35
N GLY A 342 9.40 6.91 -25.36
CA GLY A 342 9.13 7.85 -26.43
C GLY A 342 7.65 7.89 -26.76
N TYR A 343 7.23 8.99 -27.37
CA TYR A 343 5.82 9.30 -27.54
C TYR A 343 5.18 8.67 -28.79
N ASP A 344 5.94 8.11 -29.72
CA ASP A 344 5.38 7.67 -31.00
C ASP A 344 6.05 6.37 -31.46
N ASN A 345 5.37 5.22 -31.26
CA ASN A 345 5.90 3.90 -31.63
C ASN A 345 6.28 3.82 -33.11
N THR A 346 5.64 4.59 -33.98
CA THR A 346 5.92 4.52 -35.42
C THR A 346 7.08 5.41 -35.87
N ASN A 347 7.73 6.11 -34.95
CA ASN A 347 8.88 6.88 -35.34
C ASN A 347 10.19 6.26 -34.84
N ILE A 348 10.16 5.00 -34.39
CA ILE A 348 11.36 4.30 -33.92
C ILE A 348 11.19 2.81 -34.14
N ASP A 349 12.26 2.16 -34.58
CA ASP A 349 12.36 0.70 -34.68
C ASP A 349 13.20 0.26 -33.47
N LEU A 350 12.53 -0.31 -32.45
CA LEU A 350 13.20 -0.62 -31.18
C LEU A 350 14.31 -1.64 -31.34
N ASN A 351 14.35 -2.34 -32.46
CA ASN A 351 15.35 -3.38 -32.67
C ASN A 351 16.40 -2.98 -33.71
N SER A 352 16.48 -1.70 -34.06
CA SER A 352 17.44 -1.21 -35.04
C SER A 352 18.58 -0.50 -34.30
N ILE A 353 19.81 -1.00 -34.46
CA ILE A 353 20.93 -0.36 -33.76
C ILE A 353 21.12 1.07 -34.26
N GLU A 354 20.81 1.34 -35.52
CA GLU A 354 20.95 2.68 -36.08
C GLU A 354 19.93 3.64 -35.48
N ASP A 355 18.69 3.17 -35.28
CA ASP A 355 17.70 4.01 -34.60
C ASP A 355 18.08 4.27 -33.15
N ALA A 356 18.62 3.25 -32.47
CA ALA A 356 19.05 3.46 -31.08
C ALA A 356 20.19 4.46 -31.00
N GLN A 357 21.11 4.42 -31.96
CA GLN A 357 22.19 5.38 -32.02
C GLN A 357 21.67 6.79 -32.28
N ALA A 358 20.66 6.92 -33.14
CA ALA A 358 20.04 8.24 -33.34
C ALA A 358 19.42 8.76 -32.05
N VAL A 359 18.78 7.87 -31.27
CA VAL A 359 18.30 8.27 -29.96
C VAL A 359 19.46 8.85 -29.16
N ILE A 360 20.54 8.07 -29.00
CA ILE A 360 21.63 8.54 -28.13
C ILE A 360 22.21 9.85 -28.67
N ASN A 361 22.30 9.97 -29.99
CA ASN A 361 22.84 11.16 -30.67
C ASN A 361 21.98 12.40 -30.45
N GLN A 362 20.75 12.24 -29.99
CA GLN A 362 19.99 13.41 -29.52
C GLN A 362 20.76 14.26 -28.50
N TRP A 363 21.59 13.64 -27.65
CA TRP A 363 22.29 14.34 -26.58
C TRP A 363 23.80 14.29 -26.69
N ARG A 364 24.37 13.23 -27.25
CA ARG A 364 25.81 13.02 -27.24
C ARG A 364 26.25 12.56 -28.63
N ASP A 365 27.53 12.77 -28.93
CA ASP A 365 28.10 12.18 -30.12
C ASP A 365 29.26 11.24 -29.80
N ASP A 366 29.54 10.98 -28.53
CA ASP A 366 30.68 10.19 -28.13
C ASP A 366 30.30 8.84 -27.53
N LEU A 367 29.02 8.49 -27.53
CA LEU A 367 28.56 7.23 -26.95
C LEU A 367 28.16 6.31 -28.09
N GLU A 368 28.56 5.04 -28.01
CA GLU A 368 28.41 4.11 -29.12
C GLU A 368 27.44 3.00 -28.73
N VAL A 369 26.34 2.89 -29.48
CA VAL A 369 25.36 1.83 -29.25
C VAL A 369 25.92 0.52 -29.82
N VAL A 370 25.88 -0.54 -29.02
CA VAL A 370 26.29 -1.86 -29.48
C VAL A 370 25.15 -2.85 -29.56
N ASP A 371 23.99 -2.54 -28.95
CA ASP A 371 22.83 -3.42 -29.07
C ASP A 371 21.58 -2.65 -28.69
N THR A 372 20.42 -3.19 -29.07
CA THR A 372 19.15 -2.58 -28.71
C THR A 372 18.06 -3.64 -28.79
N THR A 373 16.98 -3.41 -28.03
CA THR A 373 15.85 -4.32 -28.10
C THR A 373 14.61 -3.64 -27.55
N GLY A 374 13.45 -4.17 -27.93
CA GLY A 374 12.20 -3.72 -27.35
C GLY A 374 11.06 -4.45 -28.01
N HIS A 375 9.89 -4.35 -27.38
CA HIS A 375 8.68 -4.91 -27.95
C HIS A 375 7.67 -3.80 -28.23
N ASN A 376 7.24 -3.67 -29.50
CA ASN A 376 6.28 -2.62 -29.85
C ASN A 376 4.86 -3.06 -29.46
N TRP A 377 4.48 -2.75 -28.22
CA TRP A 377 3.15 -3.10 -27.72
C TRP A 377 2.04 -2.51 -28.59
N VAL A 378 2.25 -1.30 -29.11
CA VAL A 378 1.19 -0.67 -29.90
C VAL A 378 0.88 -1.50 -31.15
N ALA A 379 1.90 -2.11 -31.76
CA ALA A 379 1.68 -2.92 -32.95
C ALA A 379 1.30 -4.35 -32.62
N ASP A 380 1.43 -4.75 -31.37
CA ASP A 380 1.11 -6.10 -30.95
C ASP A 380 -0.40 -6.30 -31.03
N LYS A 381 -0.80 -7.33 -31.78
CA LYS A 381 -2.22 -7.56 -32.09
C LYS A 381 -3.07 -7.74 -30.83
N TRP A 382 -2.49 -8.27 -29.75
CA TRP A 382 -3.25 -8.57 -28.54
C TRP A 382 -3.15 -7.46 -27.48
N ALA A 383 -2.53 -6.33 -27.83
CA ALA A 383 -2.42 -5.19 -26.92
C ALA A 383 -2.92 -3.93 -27.60
N GLY A 384 -2.24 -3.49 -28.66
CA GLY A 384 -2.65 -2.32 -29.41
C GLY A 384 -2.41 -1.00 -28.71
N GLN A 385 -1.59 -1.01 -27.66
CA GLN A 385 -1.31 0.16 -26.83
C GLN A 385 -0.15 -0.21 -25.93
N ALA A 386 0.46 0.80 -25.33
CA ALA A 386 1.39 0.62 -24.22
C ALA A 386 0.56 0.65 -22.93
N TRP A 387 0.96 1.39 -21.92
CA TRP A 387 0.09 1.48 -20.75
C TRP A 387 -0.99 2.53 -21.03
N GLY A 388 -2.20 2.27 -20.53
CA GLY A 388 -3.32 3.14 -20.88
C GLY A 388 -3.18 4.51 -20.24
N THR A 389 -3.36 5.56 -21.05
CA THR A 389 -3.31 6.96 -20.60
C THR A 389 -4.48 7.70 -21.25
N LEU A 390 -4.81 8.85 -20.69
CA LEU A 390 -6.08 9.51 -20.98
C LEU A 390 -5.92 10.63 -21.99
N ARG A 391 -6.72 10.58 -23.07
CA ARG A 391 -6.95 11.73 -23.94
C ARG A 391 -7.83 12.76 -23.23
N LYS A 392 -7.86 13.98 -23.77
CA LYS A 392 -8.81 14.96 -23.27
C LYS A 392 -10.22 14.37 -23.22
N GLY A 393 -10.92 14.62 -22.11
CA GLY A 393 -12.28 14.17 -21.94
C GLY A 393 -12.46 12.75 -21.45
N GLN A 394 -11.40 11.95 -21.41
CA GLN A 394 -11.50 10.54 -21.05
C GLN A 394 -11.39 10.29 -19.55
N PHE A 395 -11.05 11.31 -18.75
CA PHE A 395 -11.09 11.12 -17.31
C PHE A 395 -12.54 11.04 -16.81
N THR A 396 -13.43 11.88 -17.36
CA THR A 396 -14.82 11.88 -16.93
C THR A 396 -15.77 11.15 -17.87
N GLN A 397 -15.39 10.93 -19.13
CA GLN A 397 -16.20 10.17 -20.08
C GLN A 397 -15.30 9.15 -20.81
N GLY A 398 -14.67 8.28 -20.04
CA GLY A 398 -13.75 7.33 -20.63
C GLY A 398 -13.65 6.02 -19.89
N TRP A 399 -12.67 5.93 -18.98
CA TRP A 399 -12.40 4.68 -18.30
C TRP A 399 -13.59 4.22 -17.46
N SER A 400 -14.39 5.16 -16.97
CA SER A 400 -15.48 4.77 -16.07
C SER A 400 -16.69 4.23 -16.82
N LEU A 401 -16.70 4.34 -18.16
CA LEU A 401 -17.85 3.89 -18.95
C LEU A 401 -17.88 2.38 -19.14
N PHE A 402 -16.77 1.71 -18.85
CA PHE A 402 -16.69 0.26 -18.99
C PHE A 402 -17.42 -0.45 -17.84
N ASP A 403 -18.75 -0.40 -17.88
CA ASP A 403 -19.57 -1.02 -16.84
C ASP A 403 -20.96 -1.34 -17.36
N ASP A 404 -21.29 -2.63 -17.39
CA ASP A 404 -22.59 -3.11 -17.86
C ASP A 404 -22.98 -2.50 -19.21
N GLN A 408 -23.96 -9.68 -18.21
CA GLN A 408 -23.12 -10.67 -17.55
C GLN A 408 -21.65 -10.49 -17.93
N LEU A 409 -21.38 -9.48 -18.74
CA LEU A 409 -20.02 -9.19 -19.18
C LEU A 409 -19.37 -8.12 -18.31
N PHE A 410 -18.16 -8.40 -17.83
CA PHE A 410 -17.46 -7.47 -16.98
C PHE A 410 -16.17 -7.09 -17.69
N PHE A 411 -15.79 -5.82 -17.62
CA PHE A 411 -14.50 -5.37 -18.11
C PHE A 411 -13.57 -5.15 -16.93
N ALA A 412 -12.41 -5.80 -16.97
CA ALA A 412 -11.44 -5.71 -15.88
C ALA A 412 -10.06 -5.50 -16.48
N GLY A 413 -9.23 -4.74 -15.80
CA GLY A 413 -7.93 -4.42 -16.36
C GLY A 413 -7.43 -3.12 -15.79
N SER A 414 -6.11 -2.91 -15.91
CA SER A 414 -5.54 -1.70 -15.33
C SER A 414 -6.23 -0.45 -15.90
N ASP A 415 -6.59 -0.46 -17.18
CA ASP A 415 -7.14 0.75 -17.79
C ASP A 415 -8.48 1.21 -17.16
N TYR A 416 -9.15 0.40 -16.36
CA TYR A 416 -10.42 0.82 -15.77
C TYR A 416 -10.34 1.00 -14.25
N ALA A 417 -9.15 1.03 -13.67
CA ALA A 417 -9.02 1.06 -12.21
C ALA A 417 -9.36 2.44 -11.65
N TYR A 418 -9.73 2.45 -10.37
CA TYR A 418 -9.93 3.72 -9.67
C TYR A 418 -8.64 4.42 -9.30
N GLY A 419 -7.57 3.66 -9.02
CA GLY A 419 -6.34 4.17 -8.42
C GLY A 419 -5.25 4.45 -9.44
N TRP A 420 -4.20 3.63 -9.50
CA TRP A 420 -3.08 3.82 -10.44
C TRP A 420 -3.47 3.24 -11.80
N ARG A 421 -4.34 3.98 -12.47
CA ARG A 421 -5.06 3.49 -13.64
C ARG A 421 -4.14 3.45 -14.85
N GLY A 422 -4.10 2.29 -15.51
CA GLY A 422 -3.43 2.13 -16.79
C GLY A 422 -1.92 1.99 -16.62
N VAL A 423 -1.31 2.99 -16.00
CA VAL A 423 0.14 3.14 -15.89
C VAL A 423 0.78 2.08 -14.98
N CYS A 424 0.04 1.46 -14.05
CA CYS A 424 0.71 0.54 -13.12
C CYS A 424 0.03 -0.82 -13.08
N VAL A 425 0.85 -1.85 -12.81
CA VAL A 425 0.34 -3.18 -12.52
C VAL A 425 -0.61 -3.10 -11.32
N ASP A 426 -0.41 -2.12 -10.44
CA ASP A 426 -1.32 -1.94 -9.31
C ASP A 426 -2.77 -1.81 -9.77
N GLY A 427 -3.01 -1.08 -10.87
CA GLY A 427 -4.37 -0.95 -11.39
C GLY A 427 -4.94 -2.25 -11.94
N ALA A 428 -4.10 -3.07 -12.59
CA ALA A 428 -4.59 -4.37 -13.06
C ALA A 428 -4.98 -5.24 -11.89
N LEU A 429 -4.13 -5.29 -10.86
CA LEU A 429 -4.44 -6.13 -9.70
C LEU A 429 -5.69 -5.62 -8.96
N GLU A 430 -5.79 -4.30 -8.79
CA GLU A 430 -7.01 -3.71 -8.24
C GLU A 430 -8.25 -4.17 -9.00
N LYS A 431 -8.27 -3.93 -10.31
CA LYS A 431 -9.52 -4.10 -11.06
C LYS A 431 -9.84 -5.57 -11.30
N GLY A 432 -8.83 -6.42 -11.55
CA GLY A 432 -9.11 -7.85 -11.64
C GLY A 432 -9.75 -8.36 -10.36
N MET A 433 -9.18 -7.98 -9.20
CA MET A 433 -9.72 -8.47 -7.94
C MET A 433 -11.13 -7.95 -7.71
N THR A 434 -11.37 -6.65 -7.92
CA THR A 434 -12.69 -6.12 -7.58
C THR A 434 -13.75 -6.53 -8.60
N THR A 435 -13.39 -6.79 -9.85
CA THR A 435 -14.38 -7.30 -10.80
C THR A 435 -14.77 -8.72 -10.44
N ALA A 436 -13.79 -9.55 -10.04
CA ALA A 436 -14.17 -10.86 -9.54
C ALA A 436 -15.07 -10.72 -8.32
N ARG A 437 -14.84 -9.71 -7.48
CA ARG A 437 -15.74 -9.53 -6.33
C ARG A 437 -17.14 -9.17 -6.79
N GLN A 438 -17.25 -8.37 -7.86
CA GLN A 438 -18.58 -8.10 -8.42
C GLN A 438 -19.28 -9.40 -8.78
N VAL A 439 -18.56 -10.30 -9.45
CA VAL A 439 -19.15 -11.57 -9.87
C VAL A 439 -19.57 -12.39 -8.64
N ILE A 440 -18.68 -12.46 -7.64
CA ILE A 440 -18.98 -13.19 -6.41
C ILE A 440 -20.25 -12.65 -5.77
N ASN A 441 -20.35 -11.33 -5.65
CA ASN A 441 -21.48 -10.73 -4.97
C ASN A 441 -22.78 -10.98 -5.74
N SER A 442 -22.71 -10.92 -7.07
CA SER A 442 -23.90 -11.20 -7.87
C SER A 442 -24.37 -12.65 -7.66
N MET A 443 -23.44 -13.60 -7.69
CA MET A 443 -23.86 -14.98 -7.51
C MET A 443 -24.32 -15.25 -6.08
N ARG A 444 -23.67 -14.62 -5.11
CA ARG A 444 -24.14 -14.73 -3.72
C ARG A 444 -25.36 -13.83 -3.51
N LYS B 5 -6.55 -29.59 8.66
CA LYS B 5 -5.24 -30.15 8.93
C LYS B 5 -4.27 -29.09 9.46
N VAL B 6 -4.41 -27.83 9.04
CA VAL B 6 -3.74 -26.73 9.72
C VAL B 6 -4.69 -26.13 10.74
N VAL B 7 -4.26 -26.09 11.99
CA VAL B 7 -5.02 -25.46 13.08
C VAL B 7 -4.51 -24.04 13.24
N ILE B 8 -5.42 -23.08 13.17
CA ILE B 8 -5.12 -21.67 13.36
C ILE B 8 -5.67 -21.27 14.73
N ILE B 9 -4.83 -20.72 15.59
CA ILE B 9 -5.26 -20.29 16.91
C ILE B 9 -5.54 -18.80 16.86
N GLY B 10 -6.81 -18.43 16.99
CA GLY B 10 -7.22 -17.04 17.06
C GLY B 10 -7.85 -16.53 15.78
N ALA B 11 -9.01 -15.88 15.90
CA ALA B 11 -9.70 -15.32 14.74
C ALA B 11 -9.67 -13.79 14.73
N GLY B 12 -8.52 -13.19 15.00
CA GLY B 12 -8.27 -11.80 14.66
C GLY B 12 -7.91 -11.71 13.18
N PHE B 13 -7.44 -10.51 12.77
CA PHE B 13 -7.11 -10.34 11.35
C PHE B 13 -6.05 -11.33 10.88
N ALA B 14 -5.04 -11.63 11.70
CA ALA B 14 -4.00 -12.53 11.22
C ALA B 14 -4.55 -13.93 10.95
N GLY B 15 -5.35 -14.45 11.88
CA GLY B 15 -5.89 -15.79 11.73
C GLY B 15 -6.89 -15.89 10.60
N LEU B 16 -7.79 -14.89 10.48
CA LEU B 16 -8.76 -14.86 9.39
C LEU B 16 -8.09 -14.82 8.02
N VAL B 17 -7.12 -13.92 7.83
CA VAL B 17 -6.49 -13.83 6.51
C VAL B 17 -5.64 -15.08 6.22
N ALA B 18 -5.00 -15.66 7.24
CA ALA B 18 -4.28 -16.91 7.02
C ALA B 18 -5.21 -18.04 6.59
N ALA B 19 -6.37 -18.15 7.25
CA ALA B 19 -7.36 -19.14 6.84
C ALA B 19 -7.79 -18.91 5.39
N ARG B 20 -8.08 -17.67 5.01
CA ARG B 20 -8.48 -17.43 3.62
C ARG B 20 -7.40 -17.81 2.63
N GLU B 21 -6.14 -17.52 2.97
CA GLU B 21 -5.02 -17.88 2.10
C GLU B 21 -4.87 -19.40 1.96
N LEU B 22 -4.98 -20.13 3.07
CA LEU B 22 -4.93 -21.58 2.97
C LEU B 22 -6.08 -22.09 2.12
N GLN B 23 -7.27 -21.52 2.30
CA GLN B 23 -8.42 -21.92 1.48
C GLN B 23 -8.11 -21.74 -0.01
N THR B 24 -7.50 -20.61 -0.39
CA THR B 24 -7.14 -20.44 -1.80
C THR B 24 -6.18 -21.54 -2.26
N ALA B 25 -5.26 -21.97 -1.40
CA ALA B 25 -4.32 -23.02 -1.77
C ALA B 25 -4.90 -24.42 -1.63
N GLY B 26 -6.18 -24.56 -1.33
CA GLY B 26 -6.77 -25.88 -1.24
C GLY B 26 -6.35 -26.69 -0.03
N ILE B 27 -5.80 -26.03 1.00
CA ILE B 27 -5.33 -26.71 2.20
C ILE B 27 -6.40 -26.62 3.29
N GLU B 28 -6.64 -27.74 3.97
CA GLU B 28 -7.77 -27.83 4.88
C GLU B 28 -7.34 -27.14 6.18
N TYR B 29 -8.25 -26.44 6.85
CA TYR B 29 -7.87 -25.66 8.02
C TYR B 29 -9.01 -25.66 9.02
N GLU B 30 -8.71 -25.24 10.25
CA GLU B 30 -9.72 -25.01 11.27
C GLU B 30 -9.25 -23.88 12.17
N ILE B 31 -10.13 -22.90 12.43
CA ILE B 31 -9.82 -21.79 13.33
C ILE B 31 -10.48 -22.04 14.68
N LEU B 32 -9.70 -21.92 15.74
CA LEU B 32 -10.17 -22.01 17.12
C LEU B 32 -10.01 -20.65 17.79
N GLU B 33 -11.11 -20.10 18.26
CA GLU B 33 -11.11 -18.75 18.84
C GLU B 33 -11.59 -18.84 20.28
N ALA B 34 -10.84 -18.25 21.20
CA ALA B 34 -11.18 -18.36 22.62
C ALA B 34 -12.48 -17.61 22.93
N LYS B 35 -12.70 -16.46 22.30
CA LYS B 35 -13.85 -15.60 22.61
C LYS B 35 -15.09 -16.07 21.84
N ASP B 36 -16.20 -15.43 22.17
CA ASP B 36 -17.49 -15.62 21.53
C ASP B 36 -17.67 -14.71 20.30
N ARG B 37 -16.58 -14.13 19.79
CA ARG B 37 -16.63 -13.19 18.67
C ARG B 37 -15.31 -13.29 17.93
N ILE B 38 -15.32 -12.81 16.68
CA ILE B 38 -14.11 -12.69 15.88
C ILE B 38 -13.67 -11.24 15.89
N GLY B 39 -12.47 -10.97 15.35
CA GLY B 39 -11.93 -9.63 15.22
C GLY B 39 -10.76 -9.33 16.16
N GLY B 40 -10.68 -10.00 17.30
CA GLY B 40 -9.51 -9.82 18.16
C GLY B 40 -9.38 -8.40 18.67
N ARG B 41 -8.17 -7.82 18.55
CA ARG B 41 -7.92 -6.47 19.05
C ARG B 41 -8.48 -5.38 18.13
N ALA B 42 -9.08 -5.76 17.01
CA ALA B 42 -10.01 -4.91 16.28
C ALA B 42 -11.41 -5.31 16.73
N TRP B 43 -12.19 -4.37 17.25
CA TRP B 43 -13.51 -4.74 17.80
C TRP B 43 -14.44 -3.53 17.78
N THR B 44 -15.35 -3.49 16.79
CA THR B 44 -16.38 -2.46 16.68
C THR B 44 -17.59 -2.87 17.52
N GLU B 45 -18.00 -2.03 18.50
CA GLU B 45 -19.17 -2.31 19.34
C GLU B 45 -19.98 -1.06 19.66
N GLU B 46 -21.31 -1.19 19.80
CA GLU B 46 -22.09 -0.02 20.22
C GLU B 46 -21.74 0.43 21.63
N ARG B 47 -21.37 1.69 21.78
CA ARG B 47 -21.22 2.26 23.11
C ARG B 47 -21.54 3.73 22.99
N MET B 48 -22.15 4.25 24.06
CA MET B 48 -22.43 5.67 24.19
C MET B 48 -23.18 6.23 22.99
N GLY B 49 -23.97 5.38 22.32
CA GLY B 49 -24.86 5.82 21.28
C GLY B 49 -24.37 5.63 19.86
N ARG B 50 -23.23 4.98 19.67
CA ARG B 50 -22.66 4.90 18.33
C ARG B 50 -21.69 3.73 18.28
N PRO B 51 -21.45 3.16 17.09
CA PRO B 51 -20.38 2.16 16.98
C PRO B 51 -19.05 2.82 17.29
N LEU B 52 -18.34 2.28 18.28
CA LEU B 52 -17.02 2.77 18.63
C LEU B 52 -15.98 1.66 18.42
N GLU B 53 -14.78 2.07 18.03
CA GLU B 53 -13.64 1.17 17.86
C GLU B 53 -12.95 1.07 19.22
N LEU B 54 -13.20 -0.04 19.93
CA LEU B 54 -12.57 -0.26 21.23
C LEU B 54 -11.11 -0.60 21.11
N GLY B 55 -10.69 -1.00 19.91
CA GLY B 55 -9.33 -1.29 19.52
C GLY B 55 -8.96 -0.51 18.27
N ALA B 56 -8.70 -1.22 17.17
CA ALA B 56 -8.22 -0.61 15.92
C ALA B 56 -9.23 0.37 15.29
N THR B 57 -8.71 1.49 14.74
CA THR B 57 -9.58 2.55 14.18
C THR B 57 -9.18 3.09 12.79
N TRP B 58 -7.94 3.55 12.62
CA TRP B 58 -7.57 4.32 11.44
C TRP B 58 -6.88 3.45 10.39
N VAL B 59 -6.97 3.90 9.13
CA VAL B 59 -6.44 3.19 7.95
C VAL B 59 -5.93 4.25 6.95
N HIS B 60 -5.19 3.78 5.92
CA HIS B 60 -4.66 4.63 4.85
C HIS B 60 -4.31 3.78 3.62
N TRP B 61 -4.41 4.40 2.41
CA TRP B 61 -4.07 3.72 1.15
C TRP B 61 -2.56 3.45 1.01
N PHE B 62 -1.71 4.07 1.84
CA PHE B 62 -0.29 3.69 1.89
C PHE B 62 -0.02 2.43 2.75
N GLN B 63 -1.05 1.77 3.28
CA GLN B 63 -0.91 0.50 4.01
C GLN B 63 -1.42 -0.59 3.09
N ALA B 64 -0.50 -1.35 2.50
CA ALA B 64 -0.86 -2.17 1.33
C ALA B 64 -1.90 -3.23 1.67
N HIS B 65 -1.71 -3.94 2.80
CA HIS B 65 -2.57 -5.08 3.12
C HIS B 65 -3.94 -4.60 3.56
N THR B 66 -3.98 -3.60 4.46
CA THR B 66 -5.25 -3.01 4.87
C THR B 66 -6.02 -2.47 3.68
N TRP B 67 -5.37 -1.66 2.83
CA TRP B 67 -6.08 -1.03 1.71
C TRP B 67 -6.59 -2.06 0.72
N THR B 68 -5.83 -3.15 0.50
CA THR B 68 -6.34 -4.20 -0.36
C THR B 68 -7.63 -4.80 0.21
N GLU B 69 -7.71 -5.02 1.53
CA GLU B 69 -8.98 -5.53 2.08
C GLU B 69 -10.11 -4.49 2.00
N ILE B 70 -9.81 -3.22 2.27
CA ILE B 70 -10.79 -2.15 2.10
C ILE B 70 -11.40 -2.20 0.69
N MET B 71 -10.53 -2.33 -0.32
CA MET B 71 -11.00 -2.44 -1.71
C MET B 71 -11.84 -3.71 -1.90
N ARG B 72 -11.34 -4.84 -1.41
CA ARG B 72 -12.03 -6.13 -1.64
C ARG B 72 -13.45 -6.11 -1.07
N TYR B 73 -13.64 -5.58 0.13
CA TYR B 73 -14.92 -5.71 0.80
C TYR B 73 -15.78 -4.46 0.65
N GLY B 74 -15.51 -3.66 -0.38
CA GLY B 74 -16.43 -2.62 -0.79
C GLY B 74 -16.35 -1.32 -0.02
N GLN B 75 -15.26 -1.06 0.69
CA GLN B 75 -15.17 0.12 1.56
C GLN B 75 -14.34 1.24 0.95
N ARG B 76 -14.00 1.14 -0.34
CA ARG B 76 -13.17 2.14 -1.03
C ARG B 76 -13.57 3.57 -0.70
N THR B 77 -14.86 3.90 -0.78
CA THR B 77 -15.31 5.26 -0.51
C THR B 77 -15.86 5.44 0.88
N GLU B 78 -15.79 4.43 1.73
CA GLU B 78 -16.43 4.49 3.05
C GLU B 78 -15.43 4.84 4.15
N ILE B 79 -14.68 5.93 3.96
CA ILE B 79 -13.74 6.42 4.96
C ILE B 79 -13.99 7.90 5.15
N THR B 80 -13.76 8.37 6.37
CA THR B 80 -14.01 9.76 6.76
C THR B 80 -12.87 10.22 7.65
N ALA B 81 -12.38 11.43 7.40
CA ALA B 81 -11.28 11.97 8.19
C ALA B 81 -11.78 12.43 9.55
N SER B 82 -10.97 12.19 10.58
CA SER B 82 -11.25 12.72 11.91
C SER B 82 -11.35 14.24 11.84
N PRO B 83 -12.18 14.84 12.70
CA PRO B 83 -12.39 16.29 12.62
C PRO B 83 -11.13 17.04 13.01
N SER B 84 -11.01 18.23 12.44
CA SER B 84 -9.82 19.07 12.48
C SER B 84 -10.06 20.42 13.12
N GLY B 85 -9.21 21.37 12.72
CA GLY B 85 -9.29 22.75 13.11
C GLY B 85 -9.07 22.88 14.60
N ASN B 86 -8.10 23.69 15.02
CA ASN B 86 -7.89 23.70 16.45
C ASN B 86 -7.09 24.91 16.91
N ASP B 87 -7.34 25.21 18.16
CA ASP B 87 -6.31 25.39 19.16
C ASP B 87 -6.00 24.03 19.77
N ALA B 88 -4.82 23.94 20.33
CA ALA B 88 -4.34 22.76 21.04
C ALA B 88 -3.98 23.20 22.46
N HIS B 89 -4.13 22.30 23.42
CA HIS B 89 -3.77 22.54 24.81
C HIS B 89 -2.69 21.51 25.18
N TRP B 90 -1.63 21.96 25.85
CA TRP B 90 -0.58 21.02 26.19
C TRP B 90 0.04 21.37 27.54
N VAL B 91 0.45 20.34 28.26
CA VAL B 91 1.05 20.51 29.58
C VAL B 91 2.56 20.47 29.40
N THR B 92 3.29 21.43 29.97
CA THR B 92 4.72 21.29 29.81
C THR B 92 5.47 21.40 31.13
N ASP B 93 5.44 22.54 31.79
CA ASP B 93 6.20 22.51 33.02
C ASP B 93 5.22 22.46 34.18
N GLY B 94 4.35 21.45 34.21
CA GLY B 94 3.26 21.45 35.15
C GLY B 94 2.21 22.51 34.91
N LYS B 95 2.32 23.28 33.82
CA LYS B 95 1.37 24.32 33.46
C LYS B 95 0.73 23.99 32.11
N VAL B 96 -0.45 24.55 31.89
CA VAL B 96 -1.19 24.35 30.65
C VAL B 96 -0.91 25.52 29.70
N VAL B 97 -0.51 25.20 28.47
CA VAL B 97 -0.29 26.16 27.41
C VAL B 97 -1.37 25.97 26.35
N LYS B 98 -2.02 27.05 25.95
CA LYS B 98 -2.96 26.98 24.84
C LYS B 98 -2.34 27.67 23.63
N GLY B 99 -2.28 26.97 22.51
CA GLY B 99 -1.76 27.60 21.30
C GLY B 99 -2.52 27.12 20.09
N THR B 100 -2.07 27.45 18.89
CA THR B 100 -2.75 26.94 17.71
C THR B 100 -2.24 25.54 17.37
N GLU B 101 -3.09 24.78 16.67
CA GLU B 101 -2.67 23.45 16.24
C GLU B 101 -1.49 23.55 15.28
N ASP B 102 -1.42 24.65 14.53
CA ASP B 102 -0.29 24.82 13.63
C ASP B 102 1.02 24.99 14.41
N ASP B 103 1.00 25.75 15.50
CA ASP B 103 2.21 25.87 16.34
C ASP B 103 2.63 24.52 16.89
N LEU B 104 1.66 23.77 17.42
CA LEU B 104 1.96 22.44 17.93
C LEU B 104 2.58 21.57 16.84
N ASP B 105 2.00 21.62 15.64
CA ASP B 105 2.47 20.77 14.55
C ASP B 105 3.87 21.16 14.14
N GLU B 106 4.18 22.46 14.16
CA GLU B 106 5.53 22.89 13.84
C GLU B 106 6.55 22.33 14.85
N LYS B 107 6.22 22.39 16.15
CA LYS B 107 7.15 21.86 17.15
C LYS B 107 7.36 20.36 16.99
N LEU B 108 6.27 19.62 16.76
CA LEU B 108 6.43 18.18 16.61
C LEU B 108 7.14 17.84 15.31
N THR B 109 6.89 18.62 14.24
CA THR B 109 7.58 18.35 12.98
C THR B 109 9.09 18.47 13.17
N ALA B 110 9.55 19.54 13.82
CA ALA B 110 10.99 19.68 14.04
C ALA B 110 11.54 18.54 14.89
N ALA B 111 10.82 18.19 15.96
CA ALA B 111 11.30 17.11 16.84
C ALA B 111 11.36 15.79 16.10
N MET B 112 10.36 15.52 15.23
CA MET B 112 10.31 14.25 14.48
C MET B 112 11.43 14.19 13.46
N GLY B 113 11.71 15.31 12.79
CA GLY B 113 12.87 15.39 11.92
C GLY B 113 14.10 14.87 12.61
N VAL B 114 14.36 15.35 13.84
CA VAL B 114 15.53 14.82 14.55
C VAL B 114 15.32 13.35 14.93
N THR B 115 14.12 13.00 15.37
CA THR B 115 13.84 11.63 15.79
C THR B 115 14.09 10.62 14.67
N TYR B 116 13.78 10.98 13.42
CA TYR B 116 13.94 10.07 12.29
C TYR B 116 15.37 9.93 11.80
N GLU B 117 16.31 10.76 12.26
CA GLU B 117 17.67 10.74 11.72
C GLU B 117 18.22 9.32 11.65
N GLY B 118 18.85 8.99 10.52
CA GLY B 118 19.38 7.67 10.30
C GLY B 118 18.44 6.73 9.55
N SER B 119 17.14 7.06 9.46
CA SER B 119 16.22 6.11 8.85
C SER B 119 16.54 5.88 7.37
N GLU B 120 17.14 6.85 6.69
CA GLU B 120 17.54 6.64 5.30
C GLU B 120 18.68 5.65 5.18
N GLU B 121 19.56 5.58 6.19
CA GLU B 121 20.66 4.61 6.13
C GLU B 121 20.21 3.24 6.64
N TYR B 122 19.27 3.20 7.59
CA TYR B 122 18.77 1.95 8.14
C TYR B 122 17.72 1.30 7.25
N PHE B 123 16.82 2.09 6.67
CA PHE B 123 15.59 1.55 6.10
C PHE B 123 15.36 2.04 4.67
N PRO B 124 16.35 1.95 3.77
CA PRO B 124 16.10 2.36 2.38
C PRO B 124 14.93 1.59 1.77
N ASN B 125 14.78 0.30 2.10
CA ASN B 125 13.55 -0.46 1.95
C ASN B 125 12.91 -0.55 3.33
N PRO B 126 11.85 0.21 3.64
CA PRO B 126 11.29 0.17 5.00
C PRO B 126 10.58 -1.15 5.34
N HIS B 127 10.44 -2.07 4.38
CA HIS B 127 9.93 -3.40 4.69
C HIS B 127 11.04 -4.44 4.85
N ASP B 128 12.29 -3.98 4.94
CA ASP B 128 13.43 -4.80 5.33
C ASP B 128 14.05 -4.19 6.59
N PRO B 129 13.38 -4.30 7.76
CA PRO B 129 13.86 -3.54 8.94
C PRO B 129 15.19 -4.01 9.49
N LEU B 130 15.64 -5.25 9.22
CA LEU B 130 16.89 -5.76 9.75
C LEU B 130 17.99 -5.82 8.68
N TRP B 131 17.83 -5.04 7.61
CA TRP B 131 18.86 -4.95 6.58
C TRP B 131 20.23 -4.64 7.16
N VAL B 132 20.30 -3.71 8.12
CA VAL B 132 21.61 -3.31 8.65
C VAL B 132 22.35 -4.48 9.32
N LEU B 133 21.63 -5.45 9.83
CA LEU B 133 22.23 -6.62 10.46
C LEU B 133 22.33 -7.81 9.52
N SER B 134 22.02 -7.63 8.25
CA SER B 134 22.06 -8.72 7.27
C SER B 134 23.51 -9.07 6.88
N ASP B 135 23.69 -10.29 6.35
CA ASP B 135 25.05 -10.77 6.13
C ASP B 135 25.76 -10.00 5.02
N ASP B 136 25.04 -9.44 4.06
CA ASP B 136 25.67 -8.70 2.97
C ASP B 136 25.40 -7.21 3.05
N PHE B 137 25.08 -6.70 4.24
CA PHE B 137 24.94 -5.26 4.45
C PHE B 137 26.20 -4.56 3.94
N ASP B 138 26.01 -3.49 3.15
CA ASP B 138 27.13 -2.89 2.45
C ASP B 138 27.42 -1.45 2.86
N GLY B 139 26.88 -1.00 3.98
CA GLY B 139 27.16 0.33 4.47
C GLY B 139 28.35 0.31 5.41
N PRO B 140 28.71 1.46 5.94
CA PRO B 140 29.87 1.53 6.84
C PRO B 140 29.54 0.88 8.18
N ALA B 141 30.59 0.36 8.83
CA ALA B 141 30.41 -0.33 10.11
C ALA B 141 29.79 0.57 11.16
N GLU B 142 30.04 1.87 11.09
CA GLU B 142 29.50 2.78 12.09
C GLU B 142 27.99 2.85 12.00
N VAL B 143 27.41 2.55 10.84
CA VAL B 143 25.96 2.52 10.73
C VAL B 143 25.37 1.37 11.54
N ARG B 144 25.97 0.18 11.45
CA ARG B 144 25.48 -0.95 12.26
C ARG B 144 25.68 -0.65 13.73
N GLU B 145 26.78 0.03 14.02
CA GLU B 145 27.17 0.49 15.34
C GLU B 145 26.08 1.40 15.93
N ARG B 146 25.64 2.37 15.13
CA ARG B 146 24.61 3.30 15.58
C ARG B 146 23.25 2.63 15.67
N PHE B 147 22.96 1.71 14.74
CA PHE B 147 21.68 0.98 14.72
C PHE B 147 21.47 0.21 16.02
N LEU B 148 22.49 -0.55 16.42
CA LEU B 148 22.43 -1.30 17.66
C LEU B 148 22.31 -0.35 18.86
N SER B 149 23.07 0.75 18.85
CA SER B 149 22.94 1.72 19.95
C SER B 149 21.51 2.30 20.02
N ASP B 150 20.90 2.63 18.88
CA ASP B 150 19.56 3.21 18.87
C ASP B 150 18.50 2.26 19.41
N ASP B 151 18.71 0.94 19.25
CA ASP B 151 17.77 -0.01 19.85
C ASP B 151 17.74 0.12 21.38
N GLN B 152 18.80 0.65 21.99
CA GLN B 152 18.89 0.81 23.44
C GLN B 152 18.66 2.25 23.89
N THR B 153 18.17 3.10 23.00
CA THR B 153 17.88 4.50 23.29
C THR B 153 16.38 4.71 23.12
N ASN B 154 15.76 5.49 24.00
CA ASN B 154 14.36 5.77 23.75
C ASN B 154 14.21 7.03 22.89
N ALA B 155 13.00 7.21 22.34
CA ALA B 155 12.76 8.31 21.40
C ALA B 155 12.86 9.67 22.07
N ILE B 156 12.58 9.75 23.38
CA ILE B 156 12.59 11.05 24.04
C ILE B 156 14.03 11.55 24.22
N ASP B 157 14.95 10.62 24.49
CA ASP B 157 16.33 11.02 24.70
C ASP B 157 16.98 11.56 23.43
N LEU B 158 16.56 11.08 22.26
CA LEU B 158 17.07 11.65 21.02
C LEU B 158 16.75 13.13 20.92
N VAL B 159 15.56 13.51 21.40
CA VAL B 159 15.15 14.91 21.31
C VAL B 159 15.83 15.72 22.41
N LYS B 160 15.92 15.16 23.62
CA LYS B 160 16.66 15.83 24.68
C LYS B 160 18.09 16.12 24.26
N GLU B 161 18.77 15.12 23.68
CA GLU B 161 20.18 15.29 23.34
C GLU B 161 20.37 16.26 22.19
N ALA B 162 19.36 16.47 21.36
CA ALA B 162 19.48 17.42 20.26
C ALA B 162 19.33 18.87 20.70
N GLY B 163 19.07 19.12 21.98
CA GLY B 163 19.03 20.47 22.50
C GLY B 163 17.68 21.15 22.44
N PHE B 164 16.59 20.42 22.20
CA PHE B 164 15.25 21.01 22.23
C PHE B 164 14.91 21.48 23.65
N ASP B 165 14.04 22.49 23.73
CA ASP B 165 13.68 23.03 25.03
C ASP B 165 12.64 22.14 25.73
N GLN B 166 12.33 22.50 26.99
CA GLN B 166 11.49 21.64 27.81
C GLN B 166 10.11 21.45 27.22
N GLU B 167 9.55 22.48 26.58
CA GLU B 167 8.23 22.36 25.99
C GLU B 167 8.18 21.28 24.92
N THR B 168 9.18 21.26 24.02
CA THR B 168 9.18 20.23 22.99
C THR B 168 9.41 18.86 23.60
N ILE B 169 10.21 18.79 24.66
CA ILE B 169 10.42 17.51 25.34
C ILE B 169 9.09 16.98 25.88
N ASP B 170 8.32 17.86 26.54
CA ASP B 170 7.01 17.46 27.11
C ASP B 170 6.01 17.07 26.02
N LEU B 171 6.08 17.75 24.87
CA LEU B 171 5.21 17.37 23.75
C LEU B 171 5.55 15.99 23.21
N VAL B 172 6.84 15.68 23.02
CA VAL B 172 7.19 14.37 22.46
C VAL B 172 6.99 13.27 23.51
N ASP B 173 7.21 13.58 24.80
CA ASP B 173 6.82 12.69 25.89
C ASP B 173 5.35 12.28 25.76
N ALA B 174 4.46 13.27 25.65
CA ALA B 174 3.04 12.97 25.48
C ALA B 174 2.79 12.13 24.24
N PHE B 175 3.40 12.55 23.13
CA PHE B 175 3.17 11.90 21.84
C PHE B 175 3.53 10.43 21.92
N TRP B 176 4.70 10.13 22.49
CA TRP B 176 5.16 8.74 22.51
C TRP B 176 4.56 7.93 23.64
N CYS B 177 4.03 8.58 24.70
CA CYS B 177 3.17 7.87 25.63
C CYS B 177 1.98 7.29 24.88
N ALA B 178 1.45 8.05 23.91
CA ALA B 178 0.39 7.51 23.06
C ALA B 178 0.93 6.47 22.05
N GLY B 179 2.06 6.78 21.40
CA GLY B 179 2.53 5.95 20.30
C GLY B 179 3.07 4.59 20.73
N TYR B 180 3.85 4.58 21.81
CA TYR B 180 4.28 3.32 22.41
C TYR B 180 3.19 2.70 23.29
N ILE B 181 2.02 3.36 23.37
CA ILE B 181 0.92 3.03 24.27
C ILE B 181 1.46 2.35 25.53
N GLY B 182 2.25 3.11 26.28
CA GLY B 182 3.02 2.57 27.39
C GLY B 182 4.13 3.56 27.70
N ASP B 183 4.93 3.20 28.69
CA ASP B 183 6.01 4.11 29.11
C ASP B 183 7.01 4.32 27.96
N PRO B 184 7.10 5.53 27.40
CA PRO B 184 8.03 5.73 26.28
C PRO B 184 9.50 5.67 26.69
N TYR B 185 9.81 5.89 27.96
CA TYR B 185 11.20 5.90 28.36
C TYR B 185 11.82 4.50 28.36
N THR B 186 11.01 3.44 28.33
CA THR B 186 11.53 2.08 28.21
C THR B 186 11.48 1.55 26.77
N GLY B 187 11.07 2.38 25.80
CA GLY B 187 10.92 1.92 24.43
C GLY B 187 12.18 2.06 23.57
N SER B 188 12.20 1.30 22.49
CA SER B 188 13.26 1.37 21.50
C SER B 188 12.97 2.46 20.49
N ALA B 189 13.94 3.38 20.31
CA ALA B 189 13.75 4.47 19.36
C ALA B 189 13.71 3.97 17.92
N LEU B 190 14.24 2.77 17.65
CA LEU B 190 14.17 2.24 16.28
C LEU B 190 12.73 2.05 15.82
N MET B 191 11.79 1.81 16.75
CA MET B 191 10.39 1.73 16.32
C MET B 191 9.94 3.04 15.68
N ALA B 192 10.20 4.15 16.37
CA ALA B 192 9.82 5.45 15.82
C ALA B 192 10.53 5.73 14.51
N LYS B 193 11.81 5.36 14.40
CA LYS B 193 12.52 5.56 13.15
C LYS B 193 11.91 4.75 12.01
N GLN B 194 11.43 3.52 12.30
CA GLN B 194 10.81 2.76 11.22
C GLN B 194 9.45 3.32 10.83
N TRP B 195 8.67 3.81 11.82
CA TRP B 195 7.46 4.55 11.45
C TRP B 195 7.79 5.69 10.49
N GLY B 196 8.84 6.44 10.78
CA GLY B 196 9.27 7.47 9.84
C GLY B 196 9.56 6.92 8.46
N ALA B 197 10.37 5.86 8.40
CA ALA B 197 10.75 5.27 7.11
C ALA B 197 9.55 4.77 6.33
N LEU B 198 8.51 4.30 7.01
CA LEU B 198 7.29 3.87 6.34
C LEU B 198 6.39 5.05 5.96
N SER B 199 6.72 6.24 6.44
CA SER B 199 5.90 7.43 6.20
C SER B 199 6.65 8.48 5.41
N ASP B 200 7.53 8.06 4.49
CA ASP B 200 8.34 8.97 3.68
C ASP B 200 9.13 9.96 4.55
N ASN B 201 9.38 9.58 5.81
CA ASN B 201 10.18 10.38 6.75
C ASN B 201 9.58 11.78 6.98
N ARG B 202 8.26 11.89 6.94
CA ARG B 202 7.62 13.16 7.21
C ARG B 202 6.54 12.97 8.26
N TYR B 203 6.58 13.80 9.30
CA TYR B 203 5.60 13.72 10.39
C TYR B 203 4.17 13.77 9.87
N ARG B 204 3.89 14.70 8.96
CA ARG B 204 2.51 14.85 8.50
C ARG B 204 2.02 13.58 7.81
N VAL B 205 2.89 12.92 7.03
CA VAL B 205 2.49 11.65 6.42
C VAL B 205 2.26 10.59 7.49
N MET B 206 3.15 10.50 8.47
CA MET B 206 2.96 9.51 9.53
C MET B 206 1.61 9.68 10.21
N GLU B 207 1.22 10.93 10.48
CA GLU B 207 -0.08 11.22 11.12
C GLU B 207 -1.24 10.93 10.17
N ASP B 208 -1.09 11.25 8.86
CA ASP B 208 -2.10 10.89 7.86
C ASP B 208 -2.33 9.37 7.81
N ILE B 209 -1.25 8.58 7.95
CA ILE B 209 -1.37 7.14 7.80
C ILE B 209 -2.02 6.51 9.02
N THR B 210 -1.68 7.01 10.22
CA THR B 210 -2.05 6.32 11.45
C THR B 210 -3.18 6.98 12.23
N LEU B 211 -3.59 8.20 11.89
CA LEU B 211 -4.49 8.92 12.81
C LEU B 211 -5.47 9.81 12.08
N LYS B 212 -5.86 9.46 10.86
CA LYS B 212 -6.70 10.38 10.12
C LYS B 212 -8.01 9.78 9.60
N TRP B 213 -7.92 8.72 8.79
CA TRP B 213 -9.08 8.20 8.06
C TRP B 213 -9.70 7.05 8.86
N LYS B 214 -10.98 7.16 9.20
CA LYS B 214 -11.74 6.14 9.89
C LYS B 214 -12.64 5.42 8.88
N LEU B 215 -12.87 4.15 9.14
CA LEU B 215 -13.82 3.34 8.37
C LEU B 215 -15.25 3.65 8.79
N ASN B 216 -16.07 4.15 7.87
CA ASN B 216 -17.47 4.42 8.20
C ASN B 216 -18.16 3.21 8.80
N ASN B 217 -17.87 2.02 8.27
CA ASN B 217 -18.52 0.79 8.70
C ASN B 217 -17.66 -0.03 9.66
N GLY B 218 -16.60 0.55 10.20
CA GLY B 218 -15.82 -0.10 11.23
C GLY B 218 -14.89 -1.19 10.71
N MET B 219 -13.91 -1.53 11.56
CA MET B 219 -13.07 -2.69 11.30
C MET B 219 -13.88 -3.95 11.06
N ARG B 220 -15.08 -4.02 11.63
CA ARG B 220 -15.89 -5.23 11.47
C ARG B 220 -16.33 -5.42 10.03
N SER B 221 -16.45 -4.35 9.23
CA SER B 221 -16.74 -4.57 7.82
C SER B 221 -15.64 -5.39 7.15
N LEU B 222 -14.39 -5.19 7.54
CA LEU B 222 -13.29 -5.98 7.00
C LEU B 222 -13.22 -7.38 7.62
N TYR B 223 -13.26 -7.50 8.95
CA TYR B 223 -13.06 -8.84 9.47
C TYR B 223 -14.29 -9.72 9.25
N ASP B 224 -15.50 -9.14 9.25
CA ASP B 224 -16.66 -9.92 8.84
C ASP B 224 -16.62 -10.27 7.35
N GLY B 225 -16.06 -9.42 6.48
CA GLY B 225 -15.88 -9.84 5.09
C GLY B 225 -14.96 -11.04 4.93
N ILE B 226 -13.80 -11.00 5.60
CA ILE B 226 -12.90 -12.15 5.51
C ILE B 226 -13.60 -13.41 6.02
N ALA B 227 -14.23 -13.33 7.20
CA ALA B 227 -14.89 -14.50 7.76
C ALA B 227 -15.97 -15.02 6.83
N GLY B 228 -16.71 -14.11 6.17
CA GLY B 228 -17.73 -14.55 5.25
C GLY B 228 -17.20 -15.23 4.01
N ASP B 229 -15.92 -15.03 3.70
CA ASP B 229 -15.33 -15.80 2.61
C ASP B 229 -15.02 -17.26 2.98
N LEU B 230 -14.94 -17.59 4.28
CA LEU B 230 -14.42 -18.90 4.69
C LEU B 230 -15.46 -20.00 4.53
N ASN B 231 -15.02 -21.13 3.99
CA ASN B 231 -15.92 -22.26 3.82
C ASN B 231 -15.88 -23.25 4.99
N THR B 232 -15.15 -22.93 6.05
CA THR B 232 -15.06 -23.79 7.23
C THR B 232 -15.49 -22.98 8.45
N ASP B 233 -16.40 -23.55 9.23
CA ASP B 233 -16.93 -22.84 10.38
C ASP B 233 -15.83 -22.50 11.39
N ILE B 234 -15.82 -21.26 11.86
CA ILE B 234 -14.94 -20.87 12.95
C ILE B 234 -15.45 -21.47 14.25
N ARG B 235 -14.55 -22.05 15.04
CA ARG B 235 -14.90 -22.63 16.33
C ARG B 235 -14.73 -21.55 17.40
N LEU B 236 -15.82 -20.85 17.74
CA LEU B 236 -15.79 -19.89 18.82
C LEU B 236 -15.80 -20.61 20.17
N ASN B 237 -15.55 -19.84 21.23
CA ASN B 237 -15.61 -20.33 22.61
C ASN B 237 -14.78 -21.60 22.78
N THR B 238 -13.65 -21.64 22.07
CA THR B 238 -12.79 -22.82 22.04
C THR B 238 -11.34 -22.38 22.24
N PRO B 239 -10.99 -22.01 23.47
CA PRO B 239 -9.60 -21.59 23.74
C PRO B 239 -8.65 -22.79 23.70
N VAL B 240 -7.46 -22.56 23.18
CA VAL B 240 -6.42 -23.58 23.16
C VAL B 240 -5.65 -23.49 24.46
N ALA B 241 -5.39 -24.64 25.08
CA ALA B 241 -4.64 -24.71 26.32
C ALA B 241 -3.26 -25.32 26.15
N LYS B 242 -3.05 -26.15 25.13
CA LYS B 242 -1.73 -26.72 24.95
C LYS B 242 -1.47 -26.98 23.47
N VAL B 243 -0.22 -26.78 23.04
CA VAL B 243 0.23 -27.11 21.69
C VAL B 243 1.46 -28.01 21.81
N GLU B 244 1.37 -29.22 21.24
CA GLU B 244 2.52 -30.10 21.07
C GLU B 244 2.95 -30.04 19.61
N HIS B 245 4.25 -29.86 19.39
CA HIS B 245 4.73 -29.52 18.05
C HIS B 245 6.02 -30.24 17.70
N HIS B 246 6.00 -30.93 16.56
CA HIS B 246 7.17 -31.58 15.99
C HIS B 246 7.21 -31.35 14.48
N ASP B 247 7.71 -32.34 13.73
CA ASP B 247 7.63 -32.33 12.28
C ASP B 247 6.77 -33.46 11.75
N ASN B 248 6.47 -34.47 12.59
CA ASN B 248 5.51 -35.51 12.23
C ASN B 248 4.10 -35.05 12.51
N GLY B 249 3.90 -33.73 12.52
CA GLY B 249 2.63 -33.11 12.84
C GLY B 249 2.67 -32.28 14.10
N ALA B 250 1.53 -32.18 14.77
CA ALA B 250 1.33 -31.35 15.94
C ALA B 250 -0.01 -31.70 16.55
N THR B 251 -0.12 -31.46 17.85
CA THR B 251 -1.26 -31.84 18.68
C THR B 251 -1.71 -30.59 19.43
N VAL B 252 -2.97 -30.22 19.27
CA VAL B 252 -3.53 -29.11 20.05
C VAL B 252 -4.59 -29.65 21.00
N THR B 253 -4.68 -29.05 22.19
CA THR B 253 -5.67 -29.48 23.19
C THR B 253 -6.42 -28.24 23.65
N THR B 254 -7.74 -28.36 23.78
CA THR B 254 -8.55 -27.20 24.13
C THR B 254 -8.74 -27.13 25.62
N GLU B 255 -9.25 -25.98 26.08
CA GLU B 255 -9.49 -25.78 27.50
C GLU B 255 -10.29 -26.96 28.07
N SER B 256 -11.24 -27.46 27.29
CA SER B 256 -12.18 -28.50 27.70
C SER B 256 -11.58 -29.89 27.58
N GLY B 257 -10.38 -30.02 26.99
CA GLY B 257 -9.72 -31.30 26.94
C GLY B 257 -9.75 -31.96 25.57
N GLU B 258 -10.39 -31.35 24.59
CA GLU B 258 -10.46 -31.96 23.28
C GLU B 258 -9.10 -31.91 22.61
N VAL B 259 -8.77 -32.99 21.93
CA VAL B 259 -7.48 -33.18 21.28
C VAL B 259 -7.71 -33.15 19.78
N ILE B 260 -6.99 -32.25 19.11
CA ILE B 260 -7.11 -32.03 17.67
C ILE B 260 -5.73 -32.24 17.06
N GLU B 261 -5.62 -33.22 16.18
CA GLU B 261 -4.38 -33.47 15.46
C GLU B 261 -4.28 -32.54 14.26
N ALA B 262 -3.04 -32.14 13.93
CA ALA B 262 -2.82 -31.15 12.88
C ALA B 262 -1.46 -31.38 12.26
N SER B 263 -1.33 -30.94 11.00
CA SER B 263 -0.03 -30.99 10.32
C SER B 263 0.84 -29.79 10.68
N ALA B 264 0.22 -28.68 11.04
CA ALA B 264 0.89 -27.44 11.40
C ALA B 264 -0.08 -26.61 12.25
N VAL B 265 0.48 -25.73 13.07
CA VAL B 265 -0.28 -24.79 13.89
C VAL B 265 0.20 -23.40 13.58
N ILE B 266 -0.73 -22.49 13.28
CA ILE B 266 -0.45 -21.07 13.13
C ILE B 266 -1.06 -20.40 14.37
N CYS B 267 -0.22 -19.84 15.21
CA CYS B 267 -0.63 -19.33 16.51
C CYS B 267 -0.58 -17.82 16.45
N THR B 268 -1.75 -17.17 16.46
CA THR B 268 -1.86 -15.72 16.45
C THR B 268 -2.04 -15.10 17.83
N VAL B 269 -2.04 -15.90 18.90
CA VAL B 269 -2.20 -15.38 20.27
C VAL B 269 -1.11 -14.36 20.57
N PRO B 270 -1.45 -13.16 21.04
CA PRO B 270 -0.41 -12.16 21.33
C PRO B 270 0.44 -12.55 22.54
N VAL B 271 1.66 -11.97 22.58
CA VAL B 271 2.61 -12.29 23.64
C VAL B 271 1.97 -12.15 25.02
N GLY B 272 1.22 -11.06 25.21
CA GLY B 272 0.57 -10.82 26.49
C GLY B 272 -0.37 -11.92 26.95
N ALA B 273 -0.72 -12.86 26.08
CA ALA B 273 -1.62 -13.96 26.41
C ALA B 273 -1.00 -15.33 26.14
N LEU B 274 0.25 -15.37 25.69
CA LEU B 274 0.86 -16.66 25.41
C LEU B 274 1.04 -17.49 26.66
N SER B 275 1.10 -16.86 27.83
CA SER B 275 1.24 -17.65 29.05
C SER B 275 0.02 -18.53 29.31
N ASN B 276 -1.10 -18.34 28.60
CA ASN B 276 -2.25 -19.23 28.76
C ASN B 276 -2.06 -20.60 28.11
N ILE B 277 -1.01 -20.79 27.31
CA ILE B 277 -0.85 -22.02 26.54
C ILE B 277 0.42 -22.72 26.97
N GLU B 278 0.34 -24.02 27.16
CA GLU B 278 1.52 -24.83 27.42
C GLU B 278 2.09 -25.33 26.10
N PHE B 279 3.37 -25.08 25.85
CA PHE B 279 4.02 -25.51 24.62
C PHE B 279 4.95 -26.67 24.92
N SER B 280 4.84 -27.75 24.15
CA SER B 280 5.70 -28.91 24.30
C SER B 280 6.18 -29.34 22.92
N PRO B 281 7.49 -29.26 22.63
CA PRO B 281 8.49 -28.76 23.56
C PRO B 281 8.33 -27.28 23.90
N ALA B 282 8.98 -26.86 24.98
CA ALA B 282 8.93 -25.47 25.37
C ALA B 282 9.56 -24.59 24.31
N LEU B 283 9.15 -23.33 24.28
CA LEU B 283 9.68 -22.39 23.30
C LEU B 283 11.15 -22.08 23.58
N PRO B 284 11.92 -21.70 22.55
CA PRO B 284 13.34 -21.41 22.76
C PRO B 284 13.52 -20.31 23.79
N ASP B 285 14.68 -20.34 24.46
CA ASP B 285 14.91 -19.42 25.58
C ASP B 285 14.74 -17.97 25.17
N ALA B 286 15.16 -17.60 23.95
CA ALA B 286 15.07 -16.18 23.54
C ALA B 286 13.62 -15.74 23.38
N VAL B 287 12.79 -16.60 22.79
CA VAL B 287 11.37 -16.29 22.68
C VAL B 287 10.74 -16.18 24.07
N GLN B 288 11.09 -17.11 24.96
CA GLN B 288 10.56 -17.05 26.32
C GLN B 288 10.99 -15.77 27.02
N SER B 289 12.21 -15.29 26.76
CA SER B 289 12.65 -14.03 27.36
C SER B 289 11.77 -12.88 26.91
N VAL B 290 11.43 -12.83 25.61
CA VAL B 290 10.52 -11.78 25.15
C VAL B 290 9.16 -11.92 25.82
N ILE B 291 8.64 -13.15 25.90
CA ILE B 291 7.32 -13.34 26.53
C ILE B 291 7.35 -12.88 27.98
N ASP B 292 8.41 -13.21 28.70
CA ASP B 292 8.55 -12.76 30.08
C ASP B 292 8.59 -11.24 30.16
N ASP B 293 9.32 -10.63 29.23
CA ASP B 293 9.42 -9.17 29.17
C ASP B 293 8.30 -8.61 28.29
N LYS B 294 7.70 -9.49 27.49
CA LYS B 294 6.61 -9.13 26.59
C LYS B 294 6.93 -7.90 25.74
N TRP B 295 5.95 -7.01 25.63
CA TRP B 295 6.11 -5.79 24.84
C TRP B 295 6.02 -4.55 25.74
N ASN B 296 6.12 -3.38 25.14
CA ASN B 296 6.05 -2.13 25.89
C ASN B 296 4.60 -1.61 26.01
N SER B 297 3.63 -2.45 25.69
CA SER B 297 2.26 -2.06 25.38
C SER B 297 1.38 -2.25 26.62
N GLN B 298 1.50 -1.32 27.58
CA GLN B 298 0.75 -1.40 28.84
C GLN B 298 -0.28 -0.29 29.02
N GLY B 299 -0.52 0.51 28.00
CA GLY B 299 -1.45 1.64 28.09
C GLY B 299 -2.88 1.27 27.78
N ALA B 300 -3.67 2.28 27.40
CA ALA B 300 -5.12 2.12 27.30
C ALA B 300 -5.71 3.18 26.37
N LYS B 301 -6.88 2.83 25.81
CA LYS B 301 -7.65 3.70 24.93
C LYS B 301 -9.03 3.95 25.54
N ILE B 302 -9.42 5.21 25.59
CA ILE B 302 -10.65 5.61 26.24
C ILE B 302 -11.51 6.40 25.25
N TRP B 303 -12.83 6.36 25.46
CA TRP B 303 -13.79 7.20 24.77
C TRP B 303 -14.55 8.00 25.83
N ILE B 304 -14.53 9.32 25.70
CA ILE B 304 -15.12 10.22 26.69
C ILE B 304 -16.21 11.04 26.02
N LYS B 305 -17.37 11.13 26.66
CA LYS B 305 -18.45 11.98 26.17
C LYS B 305 -18.61 13.16 27.11
N ILE B 306 -18.52 14.38 26.52
CA ILE B 306 -18.70 15.65 27.23
C ILE B 306 -19.94 16.36 26.68
N LYS B 307 -20.45 17.29 27.49
CA LYS B 307 -21.59 18.13 27.10
C LYS B 307 -21.17 19.18 26.09
N GLY B 308 -22.07 19.48 25.15
CA GLY B 308 -21.79 20.46 24.12
C GLY B 308 -20.91 19.94 23.00
N HIS B 309 -20.73 20.78 21.98
CA HIS B 309 -19.86 20.53 20.84
C HIS B 309 -18.55 21.29 21.04
N HIS B 310 -17.43 20.56 21.11
CA HIS B 310 -16.13 21.18 21.36
C HIS B 310 -15.07 20.50 20.49
N ARG B 311 -14.31 21.28 19.74
CA ARG B 311 -13.20 20.75 18.95
C ARG B 311 -11.96 20.85 19.83
N PHE B 312 -11.50 19.71 20.35
CA PHE B 312 -10.49 19.75 21.40
C PHE B 312 -9.33 18.86 21.05
N LEU B 313 -8.13 19.32 21.42
CA LEU B 313 -6.93 18.51 21.28
C LEU B 313 -6.02 18.82 22.46
N GLY B 314 -5.63 17.78 23.20
CA GLY B 314 -4.84 17.95 24.41
C GLY B 314 -3.67 16.96 24.49
N TYR B 315 -2.51 17.49 24.90
CA TYR B 315 -1.27 16.73 25.11
C TYR B 315 -0.81 16.83 26.57
N ALA B 316 -0.41 15.69 27.16
CA ALA B 316 0.12 15.77 28.52
C ALA B 316 1.14 14.66 28.72
N PRO B 317 2.28 14.96 29.34
CA PRO B 317 3.35 13.96 29.47
C PRO B 317 3.09 12.93 30.58
N LYS B 318 3.86 11.87 30.53
CA LYS B 318 3.89 10.93 31.63
C LYS B 318 4.07 11.69 32.94
N PRO B 319 3.35 11.34 34.02
CA PRO B 319 2.42 10.22 34.19
C PRO B 319 0.92 10.53 34.09
N ALA B 320 0.51 11.46 33.22
CA ALA B 320 -0.91 11.76 33.08
C ALA B 320 -1.72 10.49 32.82
N LYS B 321 -2.95 10.47 33.32
CA LYS B 321 -3.85 9.36 33.01
C LYS B 321 -4.01 9.17 31.50
N MET B 322 -4.15 10.26 30.73
CA MET B 322 -4.19 10.23 29.28
C MET B 322 -3.24 11.29 28.75
N SER B 323 -2.47 10.92 27.74
CA SER B 323 -1.45 11.78 27.16
C SER B 323 -1.86 12.43 25.85
N VAL B 324 -2.76 11.82 25.06
CA VAL B 324 -3.28 12.51 23.87
C VAL B 324 -4.79 12.31 23.84
N VAL B 325 -5.54 13.40 23.78
CA VAL B 325 -7.01 13.36 23.79
C VAL B 325 -7.52 14.29 22.69
N ARG B 326 -8.49 13.83 21.90
CA ARG B 326 -8.94 14.59 20.72
C ARG B 326 -10.40 14.32 20.45
N SER B 327 -11.14 15.37 20.07
CA SER B 327 -12.52 15.21 19.59
C SER B 327 -12.61 14.33 18.33
N GLU B 328 -13.65 13.49 18.25
CA GLU B 328 -13.85 12.60 17.11
C GLU B 328 -15.27 12.63 16.55
N TYR B 329 -16.29 12.79 17.38
CA TYR B 329 -17.67 12.80 16.91
C TYR B 329 -18.45 13.89 17.62
N PHE B 330 -19.25 14.64 16.86
CA PHE B 330 -20.16 15.63 17.41
C PHE B 330 -21.58 15.08 17.26
N MET B 331 -22.19 14.75 18.40
CA MET B 331 -23.42 13.98 18.41
C MET B 331 -24.64 14.89 18.31
N ASP B 332 -25.75 14.30 17.89
CA ASP B 332 -26.97 15.06 17.63
C ASP B 332 -27.63 15.57 18.89
N ASP B 333 -27.29 15.04 20.05
CA ASP B 333 -27.85 15.49 21.33
C ASP B 333 -26.96 16.52 22.02
N ASP B 334 -26.19 17.28 21.26
CA ASP B 334 -25.31 18.31 21.81
C ASP B 334 -24.30 17.73 22.81
N THR B 335 -23.58 16.69 22.36
CA THR B 335 -22.44 16.17 23.09
C THR B 335 -21.32 15.92 22.10
N THR B 336 -20.12 15.74 22.65
CA THR B 336 -18.93 15.42 21.88
C THR B 336 -18.30 14.13 22.41
N ILE B 337 -17.92 13.24 21.50
CA ILE B 337 -17.14 12.07 21.89
C ILE B 337 -15.69 12.32 21.51
N LEU B 338 -14.80 12.18 22.49
CA LEU B 338 -13.36 12.29 22.37
C LEU B 338 -12.72 10.93 22.51
N VAL B 339 -11.59 10.75 21.84
CA VAL B 339 -10.77 9.55 22.00
C VAL B 339 -9.52 9.96 22.78
N GLY B 340 -9.01 9.03 23.58
CA GLY B 340 -7.80 9.28 24.35
C GLY B 340 -6.90 8.07 24.41
N PHE B 341 -5.60 8.34 24.51
CA PHE B 341 -4.57 7.31 24.66
C PHE B 341 -3.69 7.67 25.85
N GLY B 342 -3.43 6.65 26.70
CA GLY B 342 -2.66 6.84 27.91
C GLY B 342 -1.66 5.70 28.11
N TYR B 343 -0.64 5.99 28.91
CA TYR B 343 0.53 5.09 28.97
C TYR B 343 0.40 3.98 29.99
N ASP B 344 -0.58 4.03 30.90
CA ASP B 344 -0.64 3.10 32.04
C ASP B 344 -2.08 2.67 32.29
N ASN B 345 -2.43 1.48 31.82
CA ASN B 345 -3.78 0.95 32.02
C ASN B 345 -4.17 0.86 33.50
N THR B 346 -3.20 0.72 34.41
CA THR B 346 -3.56 0.52 35.81
C THR B 346 -3.89 1.83 36.53
N ASN B 347 -3.77 2.98 35.89
CA ASN B 347 -4.04 4.24 36.57
C ASN B 347 -5.29 4.93 36.04
N ILE B 348 -6.14 4.22 35.31
CA ILE B 348 -7.39 4.80 34.82
C ILE B 348 -8.44 3.71 34.73
N ASP B 349 -9.64 4.05 35.19
CA ASP B 349 -10.83 3.22 35.04
C ASP B 349 -11.57 3.74 33.81
N LEU B 350 -11.49 2.99 32.71
CA LEU B 350 -12.02 3.53 31.47
C LEU B 350 -13.52 3.76 31.54
N ASN B 351 -14.21 3.17 32.51
CA ASN B 351 -15.65 3.36 32.63
C ASN B 351 -16.02 4.27 33.80
N SER B 352 -15.06 4.99 34.35
CA SER B 352 -15.33 5.83 35.50
C SER B 352 -15.47 7.28 35.05
N ILE B 353 -16.65 7.85 35.26
CA ILE B 353 -16.86 9.23 34.84
C ILE B 353 -15.93 10.15 35.60
N GLU B 354 -15.60 9.81 36.85
CA GLU B 354 -14.71 10.67 37.63
C GLU B 354 -13.26 10.57 37.13
N ASP B 355 -12.81 9.39 36.73
CA ASP B 355 -11.49 9.31 36.10
C ASP B 355 -11.48 10.06 34.77
N ALA B 356 -12.57 9.97 34.00
CA ALA B 356 -12.62 10.69 32.73
C ALA B 356 -12.63 12.20 32.96
N GLN B 357 -13.30 12.64 34.03
CA GLN B 357 -13.31 14.06 34.36
C GLN B 357 -11.92 14.52 34.78
N ALA B 358 -11.21 13.70 35.54
CA ALA B 358 -9.83 14.04 35.86
C ALA B 358 -8.98 14.18 34.60
N VAL B 359 -9.19 13.29 33.62
CA VAL B 359 -8.49 13.42 32.34
C VAL B 359 -8.77 14.78 31.71
N ILE B 360 -10.05 15.12 31.55
CA ILE B 360 -10.38 16.40 30.91
C ILE B 360 -9.79 17.57 31.72
N ASN B 361 -9.85 17.47 33.05
CA ASN B 361 -9.36 18.49 33.96
C ASN B 361 -7.85 18.67 33.92
N GLN B 362 -7.14 17.73 33.30
CA GLN B 362 -5.73 17.98 32.95
C GLN B 362 -5.55 19.29 32.17
N TRP B 363 -6.50 19.66 31.33
CA TRP B 363 -6.36 20.85 30.49
C TRP B 363 -7.43 21.94 30.68
N ARG B 364 -8.64 21.58 31.10
CA ARG B 364 -9.77 22.51 31.08
C ARG B 364 -10.54 22.41 32.39
N ASP B 365 -11.25 23.49 32.75
CA ASP B 365 -12.18 23.45 33.87
C ASP B 365 -13.60 23.81 33.45
N ASP B 366 -13.85 23.95 32.15
CA ASP B 366 -15.15 24.38 31.66
C ASP B 366 -15.91 23.28 30.92
N LEU B 367 -15.35 22.07 30.86
CA LEU B 367 -15.93 20.94 30.13
C LEU B 367 -16.40 19.87 31.09
N GLU B 368 -17.59 19.33 30.85
CA GLU B 368 -18.23 18.40 31.77
C GLU B 368 -18.42 17.03 31.13
N VAL B 369 -17.84 15.99 31.74
CA VAL B 369 -17.97 14.63 31.25
C VAL B 369 -19.33 14.07 31.64
N VAL B 370 -20.03 13.47 30.68
CA VAL B 370 -21.32 12.84 30.95
C VAL B 370 -21.30 11.34 30.75
N ASP B 371 -20.27 10.80 30.09
CA ASP B 371 -20.19 9.35 29.95
C ASP B 371 -18.76 9.01 29.58
N THR B 372 -18.40 7.75 29.74
CA THR B 372 -17.06 7.32 29.32
C THR B 372 -17.08 5.80 29.20
N THR B 373 -16.21 5.26 28.35
CA THR B 373 -16.08 3.80 28.24
C THR B 373 -14.78 3.42 27.55
N GLY B 374 -14.43 2.14 27.68
CA GLY B 374 -13.29 1.62 26.96
C GLY B 374 -13.17 0.15 27.32
N HIS B 375 -12.34 -0.56 26.55
CA HIS B 375 -12.06 -1.96 26.86
C HIS B 375 -10.60 -2.04 27.27
N ASN B 376 -10.33 -2.53 28.49
CA ASN B 376 -8.94 -2.60 28.95
C ASN B 376 -8.28 -3.85 28.39
N TRP B 377 -7.64 -3.70 27.22
CA TRP B 377 -6.99 -4.83 26.55
C TRP B 377 -5.91 -5.47 27.43
N VAL B 378 -5.21 -4.67 28.24
CA VAL B 378 -4.16 -5.25 29.06
C VAL B 378 -4.75 -6.24 30.06
N ALA B 379 -5.94 -5.94 30.60
CA ALA B 379 -6.56 -6.83 31.56
C ALA B 379 -7.35 -7.98 30.92
N ASP B 380 -7.54 -7.97 29.61
CA ASP B 380 -8.25 -9.01 28.86
C ASP B 380 -7.37 -10.25 28.71
N LYS B 381 -7.84 -11.42 29.20
CA LYS B 381 -7.02 -12.62 29.21
C LYS B 381 -6.50 -13.02 27.86
N TRP B 382 -7.24 -12.75 26.80
CA TRP B 382 -6.88 -13.22 25.47
C TRP B 382 -6.06 -12.20 24.70
N ALA B 383 -5.68 -11.09 25.31
CA ALA B 383 -4.81 -10.09 24.70
C ALA B 383 -3.65 -9.80 25.62
N GLY B 384 -3.93 -9.23 26.81
CA GLY B 384 -2.89 -8.97 27.79
C GLY B 384 -1.96 -7.83 27.42
N GLN B 385 -2.33 -7.03 26.43
CA GLN B 385 -1.57 -5.93 25.86
C GLN B 385 -2.52 -5.18 24.98
N ALA B 386 -2.14 -3.94 24.65
CA ALA B 386 -2.84 -3.23 23.59
C ALA B 386 -2.12 -3.58 22.28
N TRP B 387 -1.83 -2.60 21.44
CA TRP B 387 -1.10 -2.92 20.23
C TRP B 387 0.38 -3.02 20.54
N GLY B 388 1.06 -3.97 19.88
CA GLY B 388 2.43 -4.28 20.27
C GLY B 388 3.38 -3.15 19.92
N THR B 389 4.22 -2.79 20.88
CA THR B 389 5.26 -1.78 20.73
C THR B 389 6.51 -2.30 21.42
N LEU B 390 7.65 -1.71 21.09
CA LEU B 390 8.95 -2.30 21.39
C LEU B 390 9.59 -1.65 22.62
N ARG B 391 9.99 -2.48 23.59
CA ARG B 391 10.97 -2.08 24.60
C ARG B 391 12.36 -1.99 23.97
N LYS B 392 13.26 -1.34 24.71
CA LYS B 392 14.67 -1.30 24.33
C LYS B 392 15.18 -2.72 24.01
N GLY B 393 15.93 -2.83 22.92
CA GLY B 393 16.52 -4.10 22.54
C GLY B 393 15.61 -5.02 21.78
N GLN B 394 14.32 -4.72 21.70
CA GLN B 394 13.36 -5.61 21.07
C GLN B 394 13.21 -5.39 19.58
N PHE B 395 13.81 -4.34 19.01
CA PHE B 395 13.78 -4.21 17.55
C PHE B 395 14.69 -5.25 16.91
N THR B 396 15.88 -5.45 17.48
CA THR B 396 16.82 -6.41 16.95
C THR B 396 16.84 -7.74 17.71
N GLN B 397 16.33 -7.79 18.95
CA GLN B 397 16.23 -9.05 19.68
C GLN B 397 14.83 -9.20 20.27
N GLY B 398 13.82 -9.13 19.41
CA GLY B 398 12.45 -9.18 19.89
C GLY B 398 11.49 -9.82 18.91
N TRP B 399 10.82 -8.99 18.11
CA TRP B 399 9.74 -9.46 17.24
C TRP B 399 10.23 -10.48 16.22
N SER B 400 11.49 -10.40 15.80
CA SER B 400 11.99 -11.29 14.76
C SER B 400 12.37 -12.67 15.28
N LEU B 401 12.38 -12.88 16.60
CA LEU B 401 12.77 -14.17 17.17
C LEU B 401 11.66 -15.20 17.09
N PHE B 402 10.45 -14.81 16.72
CA PHE B 402 9.34 -15.74 16.67
C PHE B 402 9.25 -16.51 15.36
N ASP B 403 10.22 -16.39 14.47
CA ASP B 403 10.26 -17.15 13.24
C ASP B 403 11.29 -18.27 13.40
N ASP B 404 11.32 -19.24 12.50
CA ASP B 404 12.31 -20.36 12.49
C ASP B 404 12.45 -21.26 13.75
N ILE B 405 13.32 -22.24 13.70
CA ILE B 405 13.58 -23.20 14.77
C ILE B 405 12.42 -24.06 15.30
N ASP B 406 11.26 -24.08 14.65
CA ASP B 406 10.12 -24.85 15.04
C ASP B 406 9.52 -25.23 13.73
N SER B 407 9.63 -26.50 13.46
CA SER B 407 9.25 -27.02 12.14
C SER B 407 7.79 -26.73 11.82
N GLN B 408 6.86 -27.14 12.68
CA GLN B 408 5.42 -27.11 12.36
C GLN B 408 4.59 -26.24 13.31
N LEU B 409 5.22 -25.41 14.13
CA LEU B 409 4.53 -24.35 14.83
C LEU B 409 5.02 -23.03 14.25
N PHE B 410 4.09 -22.16 13.84
CA PHE B 410 4.38 -20.86 13.25
C PHE B 410 3.68 -19.80 14.08
N PHE B 411 4.34 -18.69 14.29
CA PHE B 411 3.75 -17.55 14.97
C PHE B 411 3.40 -16.49 13.94
N ALA B 412 2.16 -16.00 13.99
CA ALA B 412 1.68 -14.99 13.07
C ALA B 412 0.88 -13.95 13.84
N GLY B 413 0.96 -12.72 13.37
CA GLY B 413 0.30 -11.63 14.06
C GLY B 413 0.97 -10.32 13.74
N SER B 414 0.23 -9.23 13.98
CA SER B 414 0.76 -7.90 13.72
C SER B 414 2.07 -7.70 14.46
N ASP B 415 2.16 -8.23 15.69
CA ASP B 415 3.33 -7.96 16.50
C ASP B 415 4.62 -8.54 15.91
N TYR B 416 4.54 -9.42 14.92
CA TYR B 416 5.74 -9.98 14.30
C TYR B 416 5.97 -9.52 12.86
N ALA B 417 5.25 -8.50 12.40
CA ALA B 417 5.30 -8.09 11.00
C ALA B 417 6.60 -7.35 10.67
N TYR B 418 6.95 -7.37 9.38
CA TYR B 418 8.09 -6.59 8.93
C TYR B 418 7.76 -5.10 8.80
N GLY B 419 6.50 -4.78 8.48
CA GLY B 419 6.12 -3.42 8.12
C GLY B 419 5.49 -2.65 9.27
N TRP B 420 4.17 -2.44 9.22
CA TRP B 420 3.49 -1.65 10.25
C TRP B 420 3.21 -2.55 11.45
N ARG B 421 4.28 -2.83 12.18
CA ARG B 421 4.28 -3.89 13.18
C ARG B 421 3.51 -3.48 14.44
N GLY B 422 2.55 -4.31 14.84
CA GLY B 422 1.88 -4.14 16.11
C GLY B 422 0.82 -3.05 16.05
N VAL B 423 1.26 -1.84 15.70
CA VAL B 423 0.39 -0.68 15.75
C VAL B 423 -0.73 -0.69 14.70
N CYS B 424 -0.63 -1.46 13.62
CA CYS B 424 -1.65 -1.37 12.57
C CYS B 424 -2.19 -2.74 12.20
N VAL B 425 -3.47 -2.76 11.80
CA VAL B 425 -4.06 -3.96 11.22
C VAL B 425 -3.28 -4.39 9.99
N ASP B 426 -2.60 -3.45 9.35
CA ASP B 426 -1.79 -3.77 8.19
C ASP B 426 -0.78 -4.86 8.53
N GLY B 427 -0.17 -4.79 9.72
CA GLY B 427 0.80 -5.79 10.13
C GLY B 427 0.19 -7.16 10.37
N ALA B 428 -1.01 -7.20 10.94
CA ALA B 428 -1.71 -8.47 11.12
C ALA B 428 -2.00 -9.12 9.77
N LEU B 429 -2.54 -8.35 8.82
CA LEU B 429 -2.86 -8.89 7.50
C LEU B 429 -1.61 -9.34 6.75
N GLU B 430 -0.55 -8.52 6.80
CA GLU B 430 0.75 -8.92 6.25
C GLU B 430 1.18 -10.29 6.81
N LYS B 431 1.30 -10.38 8.14
CA LYS B 431 1.96 -11.54 8.74
C LYS B 431 1.07 -12.80 8.70
N GLY B 432 -0.24 -12.66 8.88
CA GLY B 432 -1.13 -13.79 8.68
C GLY B 432 -0.98 -14.38 7.30
N MET B 433 -1.00 -13.52 6.27
CA MET B 433 -0.91 -13.99 4.88
C MET B 433 0.45 -14.64 4.59
N THR B 434 1.56 -13.99 4.99
CA THR B 434 2.85 -14.57 4.65
C THR B 434 3.15 -15.82 5.47
N THR B 435 2.62 -15.95 6.69
CA THR B 435 2.81 -17.19 7.43
C THR B 435 2.02 -18.33 6.79
N ALA B 436 0.81 -18.04 6.30
CA ALA B 436 0.13 -19.06 5.52
C ALA B 436 0.96 -19.46 4.30
N ARG B 437 1.67 -18.50 3.68
CA ARG B 437 2.54 -18.85 2.55
C ARG B 437 3.70 -19.73 2.99
N GLN B 438 4.25 -19.48 4.17
CA GLN B 438 5.27 -20.39 4.70
C GLN B 438 4.74 -21.81 4.76
N VAL B 439 3.52 -21.97 5.27
CA VAL B 439 2.91 -23.30 5.38
C VAL B 439 2.68 -23.91 3.99
N ILE B 440 2.13 -23.11 3.07
CA ILE B 440 1.87 -23.58 1.71
C ILE B 440 3.16 -24.05 1.07
N ASN B 441 4.22 -23.24 1.19
CA ASN B 441 5.49 -23.59 0.58
C ASN B 441 6.07 -24.84 1.19
N SER B 442 5.91 -25.01 2.50
CA SER B 442 6.39 -26.23 3.15
C SER B 442 5.67 -27.46 2.60
N MET B 443 4.36 -27.37 2.46
CA MET B 443 3.60 -28.51 1.94
C MET B 443 3.86 -28.75 0.46
N ARG B 444 4.09 -27.70 -0.31
CA ARG B 444 4.47 -27.86 -1.71
C ARG B 444 5.93 -28.29 -1.79
C1 N2P C . 7.36 10.09 -16.63
C2 N2P C . 7.04 8.91 -15.70
C3 N2P C . 6.52 7.69 -16.46
C4 N2P C . 6.35 6.47 -15.56
NE2 N2P C . 8.80 10.27 -16.78
C5 N2P C . 5.74 5.28 -16.29
N1 N2P C . 5.70 4.12 -15.41
PA FAD D . -2.94 -7.23 -20.17
O1A FAD D . -1.61 -7.37 -19.58
O2A FAD D . -2.82 -6.50 -21.49
O5B FAD D . -3.89 -8.72 -20.03
C5B FAD D . -5.11 -8.99 -20.79
C4B FAD D . -4.60 -10.17 -21.66
O4B FAD D . -5.53 -10.52 -22.71
C3B FAD D . -3.20 -10.12 -22.33
O3B FAD D . -2.34 -11.18 -21.94
C2B FAD D . -3.48 -10.37 -23.82
O2B FAD D . -2.54 -11.23 -24.46
C1B FAD D . -4.81 -11.12 -23.77
N9A FAD D . -5.64 -11.04 -24.97
C8A FAD D . -5.77 -10.00 -25.84
N7A FAD D . -6.66 -10.20 -26.79
C5A FAD D . -7.15 -11.46 -26.51
C6A FAD D . -8.13 -12.27 -27.14
N6A FAD D . -8.81 -11.89 -28.22
N1A FAD D . -8.38 -13.48 -26.60
C2A FAD D . -7.70 -13.86 -25.51
N3A FAD D . -6.77 -13.19 -24.83
C4A FAD D . -6.55 -11.99 -25.39
N1 FAD D . 3.31 -1.37 -14.73
C2 FAD D . 3.94 -1.04 -13.57
O2 FAD D . 3.46 -1.30 -12.44
N3 FAD D . 5.18 -0.42 -13.61
C4 FAD D . 5.87 -0.07 -14.74
O4 FAD D . 6.97 0.48 -14.64
C4X FAD D . 5.19 -0.40 -15.97
N5 FAD D . 5.80 -0.12 -17.11
C5X FAD D . 5.18 -0.45 -18.29
C6 FAD D . 5.81 -0.17 -19.51
C7 FAD D . 5.21 -0.49 -20.72
C7M FAD D . 5.91 -0.15 -22.01
C8 FAD D . 3.96 -1.13 -20.73
C8M FAD D . 3.28 -1.50 -22.02
C9 FAD D . 3.33 -1.43 -19.53
C9A FAD D . 3.92 -1.09 -18.32
N10 FAD D . 3.26 -1.35 -17.11
C10 FAD D . 3.91 -1.07 -15.88
C1' FAD D . 2.03 -2.19 -17.17
C2' FAD D . 0.88 -1.85 -16.26
O2' FAD D . 1.06 -2.48 -15.00
C3' FAD D . -0.41 -2.42 -16.87
O3' FAD D . -1.45 -1.63 -16.34
C4' FAD D . -0.77 -3.91 -16.71
O4' FAD D . 0.32 -4.80 -17.01
C5' FAD D . -1.97 -4.29 -17.56
O5' FAD D . -2.48 -5.60 -17.17
P FAD D . -3.92 -6.10 -17.68
O1P FAD D . -4.12 -7.48 -17.04
O2P FAD D . -4.91 -5.05 -17.35
O3P FAD D . -3.83 -6.24 -19.28
C1 N2P E . 0.69 8.87 18.46
C2 N2P E . -0.54 7.98 18.46
C3 N2P E . -0.57 6.96 17.32
C4 N2P E . -1.78 6.06 17.45
NE2 N2P E . 0.31 10.21 18.87
C5 N2P E . -1.96 5.12 16.26
N1 N2P E . -3.13 4.26 16.48
PA FAD F . -5.42 -10.34 17.69
O1A FAD F . -6.39 -9.40 17.10
O2A FAD F . -5.03 -10.17 19.15
O5B FAD F . -6.02 -11.80 17.42
C5B FAD F . -5.65 -12.93 18.25
C4B FAD F . -6.90 -13.73 18.56
O4B FAD F . -6.54 -14.90 19.32
C3B FAD F . -7.97 -12.98 19.36
O3B FAD F . -9.23 -13.08 18.70
C2B FAD F . -7.92 -13.68 20.73
O2B FAD F . -9.19 -13.69 21.40
C1B FAD F . -7.53 -15.09 20.32
N9A FAD F . -6.94 -15.93 21.35
C8A FAD F . -6.08 -15.56 22.35
N7A FAD F . -5.67 -16.55 23.10
C5A FAD F . -6.29 -17.67 22.50
C6A FAD F . -6.24 -19.04 22.85
N6A FAD F . -5.54 -19.54 23.85
N1A FAD F . -6.97 -19.88 22.06
C2A FAD F . -7.69 -19.38 21.07
N3A FAD F . -7.79 -18.10 20.66
C4A FAD F . -7.04 -17.29 21.46
N1 FAD F . -4.52 -0.82 14.00
C2 FAD F . -4.76 0.06 12.97
O2 FAD F . -4.40 -0.19 11.82
N3 FAD F . -5.41 1.25 13.22
C4 FAD F . -5.88 1.69 14.45
O4 FAD F . -6.45 2.77 14.56
C4X FAD F . -5.63 0.76 15.53
N5 FAD F . -6.05 1.09 16.73
C5X FAD F . -5.81 0.20 17.77
C6 FAD F . -6.25 0.53 19.05
C7 FAD F . -6.04 -0.33 20.12
C7M FAD F . -6.52 0.06 21.51
C8 FAD F . -5.38 -1.55 19.92
C8M FAD F . -5.14 -2.52 21.06
C9 FAD F . -4.93 -1.89 18.63
C9A FAD F . -5.15 -1.03 17.56
N10 FAD F . -4.73 -1.35 16.25
C10 FAD F . -4.95 -0.47 15.21
C1' FAD F . -3.96 -2.57 15.98
C2' FAD F . -4.78 -3.72 15.43
O2' FAD F . -6.00 -3.82 16.16
C3' FAD F . -3.96 -5.01 15.59
O3' FAD F . -2.68 -4.85 14.99
C4' FAD F . -4.62 -6.28 15.06
O4' FAD F . -6.00 -6.24 15.44
C5' FAD F . -3.96 -7.49 15.69
O5' FAD F . -4.42 -8.68 15.01
P FAD F . -3.76 -10.08 15.29
O1P FAD F . -4.70 -10.99 14.49
O2P FAD F . -2.31 -9.97 15.07
O3P FAD F . -4.04 -10.30 16.89
#